data_7DZ6
#
_entry.id   7DZ6
#
_cell.length_a   62.558
_cell.length_b   87.141
_cell.length_c   128.881
_cell.angle_alpha   90.000
_cell.angle_beta   99.387
_cell.angle_gamma   90.000
#
_symmetry.space_group_name_H-M   'P 1 21 1'
#
loop_
_entity.id
_entity.type
_entity.pdbx_description
1 polymer 'D-tagatose 3-epimerase'
2 non-polymer 'MAGNESIUM ION'
3 non-polymer D-psicose
4 water water
#
_entity_poly.entity_id   1
_entity_poly.type   'polypeptide(L)'
_entity_poly.pdbx_seq_one_letter_code
;MTMQGFGVHTSMWTMNWDRPGAERAVAAALKYEVDFIEIPMLNPPAVDTEHTRALLEKNELRALCSLGLPERAWASVRPD
AAIEHLKVAIDKTADLGGEALSGVIYGGIGERTGVPPTEAEYDNIARVLSAAAKHAKSRGIELGVEAVNRYENHLINTGW
QAVQMIERVGADNIFVHLDTYHMNIEEKGVGNGILDAREHLKYIHLSESDRGTPGYGTCGWDEIFSTLAAIGFKGGLAME
SFINMPPEVAYGLAVWRPVAKDEEEVMGNGLPFLRNKAKQYGLIGN
;
_entity_poly.pdbx_strand_id   A,B,C,D
#
# COMPACT_ATOMS: atom_id res chain seq x y z
N THR A 2 22.40 16.09 -17.29
CA THR A 2 21.40 15.36 -16.52
C THR A 2 21.99 14.09 -15.90
N MET A 3 21.76 13.90 -14.59
CA MET A 3 22.24 12.72 -13.89
C MET A 3 21.45 11.47 -14.34
N GLN A 4 22.07 10.30 -14.18
CA GLN A 4 21.46 9.03 -14.57
C GLN A 4 21.95 7.91 -13.66
N GLY A 5 21.05 6.96 -13.40
CA GLY A 5 21.37 5.82 -12.58
C GLY A 5 21.14 6.08 -11.10
N PHE A 6 21.84 5.30 -10.29
CA PHE A 6 21.76 5.38 -8.84
C PHE A 6 22.92 6.19 -8.26
N GLY A 7 22.61 6.90 -7.19
CA GLY A 7 23.58 7.71 -6.50
C GLY A 7 23.20 7.73 -5.05
N VAL A 8 24.04 8.42 -4.29
CA VAL A 8 23.89 8.45 -2.85
C VAL A 8 24.31 9.82 -2.34
N HIS A 9 23.49 10.35 -1.45
CA HIS A 9 23.82 11.55 -0.70
C HIS A 9 24.91 11.24 0.31
N THR A 10 26.02 11.98 0.27
CA THR A 10 27.20 11.62 1.05
C THR A 10 27.07 11.94 2.54
N SER A 11 25.97 12.58 2.96
CA SER A 11 25.51 12.63 4.34
C SER A 11 25.89 11.42 5.17
N MET A 12 25.75 10.23 4.60
CA MET A 12 26.00 9.01 5.36
C MET A 12 27.45 8.86 5.80
N TRP A 13 28.38 9.52 5.14
CA TRP A 13 29.79 9.37 5.45
C TRP A 13 30.48 10.69 5.78
N THR A 14 29.87 11.81 5.46
CA THR A 14 30.52 13.11 5.42
C THR A 14 29.47 14.20 5.37
N MET A 15 29.40 15.07 6.37
CA MET A 15 28.64 16.29 6.16
C MET A 15 29.54 17.49 5.95
N ASN A 16 30.82 17.38 6.27
CA ASN A 16 31.82 18.39 5.96
C ASN A 16 32.69 17.89 4.83
N TRP A 17 32.45 18.44 3.64
CA TRP A 17 33.25 18.08 2.47
C TRP A 17 34.66 18.69 2.52
N ASP A 18 35.43 18.30 3.52
CA ASP A 18 36.85 18.60 3.54
C ASP A 18 37.59 17.46 2.85
N ARG A 19 38.92 17.51 2.85
CA ARG A 19 39.67 16.58 2.03
C ARG A 19 39.49 15.14 2.49
N PRO A 20 39.61 14.82 3.78
CA PRO A 20 39.41 13.43 4.20
C PRO A 20 37.95 13.00 4.12
N GLY A 21 37.01 13.92 4.33
CA GLY A 21 35.60 13.58 4.15
C GLY A 21 35.29 13.20 2.73
N ALA A 22 35.77 14.02 1.77
CA ALA A 22 35.62 13.71 0.35
C ALA A 22 36.20 12.34 0.01
N GLU A 23 37.37 12.04 0.53
CA GLU A 23 37.99 10.76 0.22
C GLU A 23 37.15 9.61 0.76
N ARG A 24 36.68 9.74 2.00
CA ARG A 24 35.87 8.68 2.60
C ARG A 24 34.58 8.45 1.80
N ALA A 25 33.91 9.54 1.40
CA ALA A 25 32.66 9.46 0.68
C ALA A 25 32.88 8.84 -0.69
N VAL A 26 33.91 9.29 -1.41
CA VAL A 26 34.20 8.63 -2.69
C VAL A 26 34.52 7.15 -2.48
N ALA A 27 35.26 6.83 -1.41
CA ALA A 27 35.53 5.42 -1.13
C ALA A 27 34.24 4.64 -0.93
N ALA A 28 33.28 5.18 -0.17
CA ALA A 28 32.04 4.46 0.03
C ALA A 28 31.30 4.31 -1.29
N ALA A 29 31.17 5.41 -2.04
CA ALA A 29 30.51 5.31 -3.33
C ALA A 29 31.02 4.13 -4.16
N LEU A 30 32.34 3.94 -4.22
CA LEU A 30 32.89 2.86 -5.04
C LEU A 30 32.59 1.50 -4.43
N LYS A 31 32.62 1.41 -3.11
CA LYS A 31 32.27 0.16 -2.42
C LYS A 31 30.86 -0.29 -2.79
N TYR A 32 29.87 0.63 -2.79
CA TYR A 32 28.49 0.30 -3.16
C TYR A 32 28.23 0.43 -4.64
N GLU A 33 29.25 0.84 -5.40
CA GLU A 33 29.22 0.77 -6.87
C GLU A 33 28.05 1.56 -7.46
N VAL A 34 27.89 2.81 -6.99
CA VAL A 34 26.86 3.70 -7.51
C VAL A 34 27.39 4.47 -8.70
N ASP A 35 26.50 5.17 -9.41
CA ASP A 35 26.91 5.94 -10.58
C ASP A 35 27.30 7.39 -10.22
N PHE A 36 26.79 7.95 -9.13
CA PHE A 36 27.07 9.35 -8.84
C PHE A 36 26.90 9.58 -7.36
N ILE A 37 27.45 10.72 -6.89
CA ILE A 37 27.27 11.15 -5.51
C ILE A 37 26.67 12.56 -5.48
N GLU A 38 25.97 12.83 -4.40
CA GLU A 38 25.46 14.15 -4.14
C GLU A 38 26.27 14.72 -2.99
N ILE A 39 26.95 15.83 -3.25
CA ILE A 39 27.84 16.45 -2.28
C ILE A 39 27.05 17.58 -1.57
N PRO A 40 26.79 17.46 -0.29
CA PRO A 40 26.22 18.62 0.44
C PRO A 40 27.29 19.70 0.59
N MET A 41 26.93 20.93 0.24
CA MET A 41 27.84 22.06 0.29
C MET A 41 27.37 22.95 1.43
N LEU A 42 27.71 22.53 2.66
CA LEU A 42 27.37 23.31 3.83
C LEU A 42 28.16 24.61 3.91
N ASN A 43 29.39 24.62 3.40
CA ASN A 43 30.27 25.77 3.50
C ASN A 43 31.03 25.88 2.18
N PRO A 44 30.37 26.36 1.14
CA PRO A 44 30.94 26.29 -0.20
C PRO A 44 32.34 26.86 -0.29
N PRO A 45 32.61 28.01 0.34
CA PRO A 45 33.96 28.60 0.18
C PRO A 45 35.07 27.62 0.59
N ALA A 46 34.83 26.78 1.57
CA ALA A 46 35.86 25.86 2.05
C ALA A 46 36.08 24.62 1.18
N VAL A 47 35.36 24.46 0.07
CA VAL A 47 35.51 23.24 -0.71
C VAL A 47 36.74 23.35 -1.57
N ASP A 48 37.56 22.30 -1.55
CA ASP A 48 38.68 22.16 -2.46
C ASP A 48 38.21 21.56 -3.77
N THR A 49 37.97 22.42 -4.76
CA THR A 49 37.35 21.97 -6.00
C THR A 49 38.25 21.03 -6.79
N GLU A 50 39.56 21.30 -6.79
CA GLU A 50 40.44 20.55 -7.68
C GLU A 50 40.68 19.16 -7.16
N HIS A 51 40.80 19.05 -5.83
CA HIS A 51 40.88 17.75 -5.19
C HIS A 51 39.68 16.88 -5.53
N THR A 52 38.45 17.44 -5.40
CA THR A 52 37.26 16.64 -5.64
C THR A 52 37.13 16.30 -7.11
N ARG A 53 37.40 17.28 -7.98
CA ARG A 53 37.31 17.02 -9.41
C ARG A 53 38.22 15.87 -9.81
N ALA A 54 39.47 15.85 -9.32
CA ALA A 54 40.37 14.72 -9.63
C ALA A 54 39.84 13.40 -9.08
N LEU A 55 39.38 13.40 -7.83
CA LEU A 55 38.72 12.20 -7.30
C LEU A 55 37.61 11.67 -8.21
N LEU A 56 36.75 12.56 -8.70
CA LEU A 56 35.63 12.10 -9.51
C LEU A 56 36.12 11.60 -10.88
N GLU A 57 37.08 12.31 -11.48
CA GLU A 57 37.54 11.89 -12.80
C GLU A 57 38.34 10.59 -12.70
N LYS A 58 39.31 10.52 -11.77
CA LYS A 58 40.03 9.28 -11.55
C LYS A 58 39.07 8.09 -11.42
N ASN A 59 38.02 8.24 -10.62
CA ASN A 59 37.15 7.14 -10.27
C ASN A 59 35.90 7.06 -11.11
N GLU A 60 35.85 7.77 -12.24
CA GLU A 60 34.72 7.78 -13.14
C GLU A 60 33.40 7.86 -12.38
N LEU A 61 33.30 8.86 -11.52
CA LEU A 61 32.09 9.11 -10.75
C LEU A 61 31.53 10.44 -11.19
N ARG A 62 30.22 10.54 -11.33
CA ARG A 62 29.67 11.87 -11.50
C ARG A 62 29.16 12.40 -10.17
N ALA A 63 28.80 13.67 -10.19
CA ALA A 63 28.45 14.35 -8.96
C ALA A 63 27.56 15.51 -9.29
N LEU A 64 26.72 15.84 -8.31
CA LEU A 64 26.06 17.11 -8.17
C LEU A 64 26.16 17.52 -6.71
N CYS A 65 25.74 18.75 -6.43
CA CYS A 65 25.84 19.31 -5.10
C CYS A 65 24.48 19.84 -4.67
N SER A 66 24.23 19.89 -3.36
CA SER A 66 23.01 20.48 -2.84
C SER A 66 23.34 21.36 -1.65
N LEU A 67 22.44 22.31 -1.38
CA LEU A 67 22.50 23.12 -0.17
C LEU A 67 21.10 23.57 0.26
N GLY A 68 21.04 24.18 1.43
CA GLY A 68 19.98 25.12 1.78
C GLY A 68 20.58 26.45 2.16
N LEU A 69 19.83 27.54 1.88
CA LEU A 69 20.33 28.89 2.14
C LEU A 69 20.38 29.16 3.64
N PRO A 70 21.47 29.77 4.14
CA PRO A 70 21.46 30.24 5.53
C PRO A 70 20.54 31.43 5.69
N GLU A 71 20.11 31.66 6.93
CA GLU A 71 19.15 32.73 7.22
C GLU A 71 19.62 34.11 6.73
N ARG A 72 20.91 34.46 6.87
CA ARG A 72 21.34 35.74 6.31
C ARG A 72 21.06 35.89 4.81
N ALA A 73 20.68 34.80 4.12
CA ALA A 73 20.58 34.82 2.67
C ALA A 73 19.31 34.16 2.14
N TRP A 74 18.29 33.95 2.97
CA TRP A 74 17.04 33.38 2.46
C TRP A 74 16.47 34.24 1.33
N ALA A 75 16.20 33.63 0.19
CA ALA A 75 15.88 34.45 -0.98
C ALA A 75 14.58 35.25 -0.79
N SER A 76 13.63 34.73 -0.01
CA SER A 76 12.32 35.35 0.04
C SER A 76 12.39 36.74 0.67
N VAL A 77 13.39 36.99 1.50
CA VAL A 77 13.46 38.24 2.25
C VAL A 77 14.76 38.98 2.01
N ARG A 78 15.83 38.26 1.65
CA ARG A 78 17.14 38.87 1.40
C ARG A 78 17.69 38.45 0.05
N PRO A 79 16.97 38.79 -1.03
CA PRO A 79 17.36 38.26 -2.36
C PRO A 79 18.76 38.59 -2.78
N ASP A 80 19.27 39.76 -2.40
CA ASP A 80 20.62 40.11 -2.84
C ASP A 80 21.66 39.22 -2.16
N ALA A 81 21.53 38.99 -0.88
CA ALA A 81 22.42 38.03 -0.24
C ALA A 81 22.24 36.65 -0.85
N ALA A 82 20.99 36.21 -1.06
CA ALA A 82 20.79 34.90 -1.65
C ALA A 82 21.54 34.79 -2.97
N ILE A 83 21.48 35.84 -3.80
CA ILE A 83 22.14 35.75 -5.10
C ILE A 83 23.64 35.57 -4.89
N GLU A 84 24.22 36.36 -3.97
CA GLU A 84 25.66 36.29 -3.74
C GLU A 84 26.04 34.88 -3.27
N HIS A 85 25.23 34.32 -2.36
CA HIS A 85 25.54 33.00 -1.82
C HIS A 85 25.44 31.92 -2.91
N LEU A 86 24.43 32.01 -3.77
CA LEU A 86 24.27 30.98 -4.78
C LEU A 86 25.35 31.08 -5.85
N LYS A 87 25.83 32.28 -6.14
CA LYS A 87 26.89 32.38 -7.15
C LYS A 87 28.14 31.64 -6.69
N VAL A 88 28.47 31.75 -5.41
CA VAL A 88 29.66 31.09 -4.90
C VAL A 88 29.45 29.58 -4.95
N ALA A 89 28.30 29.10 -4.51
CA ALA A 89 27.97 27.68 -4.60
C ALA A 89 27.95 27.17 -6.05
N ILE A 90 27.35 27.93 -6.95
CA ILE A 90 27.34 27.52 -8.36
C ILE A 90 28.76 27.39 -8.90
N ASP A 91 29.63 28.36 -8.59
CA ASP A 91 31.00 28.31 -9.11
C ASP A 91 31.76 27.15 -8.49
N LYS A 92 31.62 26.94 -7.18
CA LYS A 92 32.29 25.78 -6.58
C LYS A 92 31.75 24.47 -7.15
N THR A 93 30.42 24.37 -7.33
CA THR A 93 29.87 23.17 -7.94
C THR A 93 30.45 22.92 -9.33
N ALA A 94 30.52 23.98 -10.13
CA ALA A 94 30.99 23.76 -11.49
C ALA A 94 32.49 23.45 -11.47
N ASP A 95 33.25 24.12 -10.59
CA ASP A 95 34.71 23.92 -10.61
C ASP A 95 35.09 22.52 -10.14
N LEU A 96 34.33 21.93 -9.22
CA LEU A 96 34.64 20.57 -8.78
C LEU A 96 34.15 19.51 -9.77
N GLY A 97 33.56 19.89 -10.91
CA GLY A 97 33.05 18.91 -11.86
C GLY A 97 31.59 18.54 -11.67
N GLY A 98 30.86 19.27 -10.86
CA GLY A 98 29.49 18.91 -10.59
C GLY A 98 28.58 19.33 -11.72
N GLU A 99 27.52 18.55 -11.95
CA GLU A 99 26.63 18.85 -13.07
C GLU A 99 25.45 19.71 -12.67
N ALA A 100 25.14 19.82 -11.39
CA ALA A 100 24.03 20.67 -10.99
C ALA A 100 24.18 21.06 -9.55
N LEU A 101 23.54 22.18 -9.21
CA LEU A 101 23.30 22.60 -7.84
C LEU A 101 21.80 22.56 -7.59
N SER A 102 21.42 21.84 -6.56
CA SER A 102 20.03 21.50 -6.31
C SER A 102 19.79 21.64 -4.83
N GLY A 103 18.58 21.33 -4.42
CA GLY A 103 18.24 21.44 -3.02
C GLY A 103 17.37 22.64 -2.76
N VAL A 104 17.43 23.13 -1.54
CA VAL A 104 16.54 24.24 -1.16
C VAL A 104 17.31 25.52 -1.52
N ILE A 105 17.43 25.78 -2.82
CA ILE A 105 18.19 26.94 -3.29
C ILE A 105 17.37 28.21 -3.30
N TYR A 106 16.07 28.12 -3.03
CA TYR A 106 15.16 29.25 -3.06
C TYR A 106 14.87 29.76 -1.67
N GLY A 107 15.45 29.14 -0.66
CA GLY A 107 15.04 29.44 0.70
C GLY A 107 15.90 28.66 1.66
N GLY A 108 15.46 28.60 2.88
CA GLY A 108 16.23 27.99 3.94
C GLY A 108 15.44 26.95 4.69
N ILE A 109 16.15 25.95 5.22
CA ILE A 109 15.57 25.00 6.14
C ILE A 109 15.27 25.73 7.44
N GLY A 110 13.99 25.80 7.81
CA GLY A 110 13.55 26.57 8.96
C GLY A 110 12.84 27.87 8.66
N GLU A 111 12.54 28.17 7.40
CA GLU A 111 11.81 29.39 7.07
C GLU A 111 10.33 29.20 7.39
N ARG A 112 9.75 30.18 8.09
CA ARG A 112 8.34 30.12 8.48
C ARG A 112 7.89 31.52 8.89
N THR A 113 6.89 32.06 8.20
CA THR A 113 6.26 33.31 8.61
C THR A 113 5.03 33.08 9.47
N GLY A 114 4.44 31.88 9.42
CA GLY A 114 3.21 31.60 10.11
C GLY A 114 1.97 31.85 9.30
N VAL A 115 2.11 32.29 8.05
CA VAL A 115 0.96 32.55 7.18
C VAL A 115 1.31 32.04 5.79
N PRO A 116 0.37 31.94 4.85
CA PRO A 116 0.70 31.42 3.52
C PRO A 116 1.78 32.24 2.86
N PRO A 117 2.58 31.63 1.98
CA PRO A 117 3.50 32.43 1.16
C PRO A 117 2.77 33.49 0.37
N THR A 118 3.39 34.68 0.27
CA THR A 118 2.81 35.84 -0.39
C THR A 118 3.42 36.03 -1.78
N GLU A 119 2.74 36.85 -2.58
CA GLU A 119 3.25 37.14 -3.91
C GLU A 119 4.58 37.89 -3.84
N ALA A 120 4.82 38.68 -2.79
CA ALA A 120 6.08 39.40 -2.70
C ALA A 120 7.25 38.44 -2.45
N GLU A 121 7.02 37.42 -1.61
CA GLU A 121 8.02 36.37 -1.39
C GLU A 121 8.38 35.64 -2.67
N TYR A 122 7.36 35.30 -3.46
CA TYR A 122 7.59 34.58 -4.70
C TYR A 122 8.30 35.45 -5.73
N ASP A 123 8.03 36.75 -5.72
CA ASP A 123 8.75 37.67 -6.61
C ASP A 123 10.24 37.70 -6.32
N ASN A 124 10.59 37.83 -5.05
CA ASN A 124 11.99 37.73 -4.64
C ASN A 124 12.61 36.40 -5.05
N ILE A 125 11.90 35.29 -4.83
CA ILE A 125 12.48 33.99 -5.16
C ILE A 125 12.70 33.89 -6.67
N ALA A 126 11.68 34.28 -7.43
CA ALA A 126 11.80 34.32 -8.88
C ALA A 126 13.01 35.13 -9.34
N ARG A 127 13.20 36.34 -8.77
CA ARG A 127 14.33 37.15 -9.20
C ARG A 127 15.67 36.48 -8.84
N VAL A 128 15.78 35.95 -7.63
CA VAL A 128 16.98 35.22 -7.24
C VAL A 128 17.24 34.07 -8.20
N LEU A 129 16.20 33.27 -8.49
CA LEU A 129 16.43 32.06 -9.27
C LEU A 129 16.82 32.42 -10.70
N SER A 130 16.21 33.46 -11.27
CA SER A 130 16.62 33.89 -12.60
C SER A 130 18.09 34.33 -12.62
N ALA A 131 18.52 35.09 -11.63
CA ALA A 131 19.94 35.45 -11.59
C ALA A 131 20.81 34.21 -11.38
N ALA A 132 20.38 33.31 -10.48
CA ALA A 132 21.21 32.15 -10.21
C ALA A 132 21.32 31.25 -11.43
N ALA A 133 20.21 31.12 -12.20
CA ALA A 133 20.20 30.21 -13.34
C ALA A 133 21.04 30.74 -14.48
N LYS A 134 21.02 32.05 -14.69
CA LYS A 134 21.92 32.68 -15.66
C LYS A 134 23.37 32.43 -15.27
N HIS A 135 23.71 32.63 -13.99
CA HIS A 135 25.09 32.35 -13.59
C HIS A 135 25.42 30.88 -13.80
N ALA A 136 24.45 29.99 -13.59
CA ALA A 136 24.71 28.58 -13.79
C ALA A 136 24.86 28.25 -15.26
N LYS A 137 24.07 28.90 -16.12
CA LYS A 137 24.21 28.65 -17.57
C LYS A 137 25.60 29.06 -18.02
N SER A 138 26.12 30.18 -17.49
CA SER A 138 27.45 30.62 -17.86
C SER A 138 28.51 29.61 -17.42
N ARG A 139 28.30 28.90 -16.32
CA ARG A 139 29.22 27.82 -15.95
C ARG A 139 28.82 26.44 -16.48
N GLY A 140 27.78 26.32 -17.28
CA GLY A 140 27.47 25.03 -17.88
C GLY A 140 26.72 24.03 -17.01
N ILE A 141 26.09 24.46 -15.92
CA ILE A 141 25.39 23.54 -15.05
C ILE A 141 23.92 23.94 -14.92
N GLU A 142 23.17 23.05 -14.31
CA GLU A 142 21.73 23.22 -14.10
C GLU A 142 21.51 23.46 -12.61
N LEU A 143 20.32 23.95 -12.29
CA LEU A 143 19.87 24.15 -10.92
C LEU A 143 18.63 23.32 -10.68
N GLY A 144 18.50 22.77 -9.47
CA GLY A 144 17.32 22.04 -9.07
C GLY A 144 16.63 22.74 -7.91
N VAL A 145 15.31 22.75 -7.97
CA VAL A 145 14.44 23.31 -6.95
C VAL A 145 13.82 22.12 -6.26
N GLU A 146 14.17 21.89 -5.02
CA GLU A 146 13.67 20.74 -4.27
C GLU A 146 12.43 21.14 -3.49
N ALA A 147 11.30 20.48 -3.78
CA ALA A 147 10.13 20.60 -2.92
C ALA A 147 10.42 19.96 -1.56
N VAL A 148 10.22 20.71 -0.47
CA VAL A 148 10.40 20.16 0.88
C VAL A 148 9.13 20.38 1.70
N ASN A 149 9.04 19.71 2.86
CA ASN A 149 7.73 19.73 3.51
C ASN A 149 7.46 21.05 4.22
N ARG A 150 6.19 21.21 4.59
CA ARG A 150 5.69 22.45 5.17
C ARG A 150 6.49 22.91 6.38
N TYR A 151 7.12 21.98 7.12
CA TYR A 151 7.82 22.39 8.33
C TYR A 151 9.20 22.96 8.04
N GLU A 152 9.75 22.65 6.89
CA GLU A 152 11.10 23.07 6.59
C GLU A 152 11.10 24.39 5.85
N ASN A 153 10.03 24.67 5.12
CA ASN A 153 9.90 25.84 4.26
C ASN A 153 8.42 25.97 3.92
N HIS A 154 7.92 27.22 3.80
CA HIS A 154 6.51 27.48 3.54
C HIS A 154 6.23 27.88 2.12
N LEU A 155 7.25 27.90 1.28
CA LEU A 155 7.14 28.43 -0.09
C LEU A 155 6.97 27.37 -1.16
N ILE A 156 7.72 26.27 -1.11
CA ILE A 156 7.62 25.28 -2.19
C ILE A 156 7.61 23.90 -1.56
N ASN A 157 6.42 23.29 -1.49
CA ASN A 157 6.24 22.03 -0.77
C ASN A 157 5.78 20.88 -1.65
N THR A 158 5.32 21.14 -2.89
CA THR A 158 4.76 20.14 -3.77
C THR A 158 5.41 20.25 -5.15
N GLY A 159 5.34 19.16 -5.92
CA GLY A 159 5.81 19.24 -7.29
C GLY A 159 5.13 20.35 -8.07
N TRP A 160 3.80 20.54 -7.86
CA TRP A 160 3.10 21.54 -8.66
C TRP A 160 3.56 22.95 -8.29
N GLN A 161 3.81 23.22 -7.01
CA GLN A 161 4.40 24.54 -6.68
C GLN A 161 5.79 24.68 -7.29
N ALA A 162 6.57 23.59 -7.33
CA ALA A 162 7.92 23.73 -7.89
C ALA A 162 7.84 24.01 -9.38
N VAL A 163 6.89 23.36 -10.06
CA VAL A 163 6.72 23.58 -11.48
C VAL A 163 6.27 25.03 -11.72
N GLN A 164 5.38 25.54 -10.86
CA GLN A 164 4.87 26.89 -11.07
C GLN A 164 6.01 27.90 -11.00
N MET A 165 6.93 27.71 -10.04
CA MET A 165 8.07 28.62 -9.94
C MET A 165 8.96 28.50 -11.16
N ILE A 166 9.17 27.28 -11.67
CA ILE A 166 10.08 27.12 -12.81
C ILE A 166 9.51 27.77 -14.06
N GLU A 167 8.18 27.82 -14.16
CA GLU A 167 7.55 28.47 -15.31
C GLU A 167 7.57 29.98 -15.17
N ARG A 168 7.36 30.50 -13.96
CA ARG A 168 7.56 31.91 -13.70
C ARG A 168 8.95 32.38 -14.17
N VAL A 169 10.00 31.73 -13.66
CA VAL A 169 11.37 32.15 -13.98
C VAL A 169 11.61 32.08 -15.48
N GLY A 170 11.13 31.03 -16.15
CA GLY A 170 11.32 30.90 -17.59
C GLY A 170 12.70 30.46 -18.07
N ALA A 171 13.51 29.89 -17.21
CA ALA A 171 14.88 29.53 -17.60
C ALA A 171 14.93 28.03 -17.91
N ASP A 172 15.74 27.69 -18.91
CA ASP A 172 15.77 26.34 -19.45
C ASP A 172 16.52 25.37 -18.57
N ASN A 173 17.31 25.85 -17.61
CA ASN A 173 18.27 24.98 -16.94
C ASN A 173 17.93 24.79 -15.47
N ILE A 174 16.67 25.03 -15.07
CA ILE A 174 16.16 24.71 -13.74
C ILE A 174 15.21 23.51 -13.87
N PHE A 175 15.44 22.47 -13.09
CA PHE A 175 14.62 21.26 -13.07
C PHE A 175 14.03 21.08 -11.68
N VAL A 176 13.09 20.17 -11.57
CA VAL A 176 12.46 19.87 -10.30
C VAL A 176 13.17 18.70 -9.64
N HIS A 177 13.25 18.78 -8.32
CA HIS A 177 13.94 17.81 -7.49
C HIS A 177 12.93 17.39 -6.45
N LEU A 178 12.54 16.11 -6.46
CA LEU A 178 11.54 15.62 -5.54
C LEU A 178 12.23 14.76 -4.50
N ASP A 179 11.54 14.57 -3.37
CA ASP A 179 12.05 13.75 -2.28
C ASP A 179 10.87 12.98 -1.68
N THR A 180 10.99 11.66 -1.60
CA THR A 180 9.87 10.80 -1.23
C THR A 180 9.49 10.97 0.23
N TYR A 181 10.48 11.37 1.05
CA TYR A 181 10.24 11.72 2.44
C TYR A 181 9.32 12.94 2.55
N HIS A 182 9.62 13.98 1.78
CA HIS A 182 8.74 15.16 1.76
C HIS A 182 7.42 14.84 1.08
N MET A 183 7.47 14.01 0.04
CA MET A 183 6.27 13.71 -0.73
C MET A 183 5.26 12.96 0.11
N ASN A 184 5.77 12.04 0.93
CA ASN A 184 4.95 11.27 1.86
C ASN A 184 4.09 12.16 2.75
N ILE A 185 4.52 13.40 2.99
CA ILE A 185 3.74 14.36 3.74
C ILE A 185 2.90 15.24 2.81
N GLU A 186 3.47 15.68 1.70
CA GLU A 186 2.89 16.82 1.02
C GLU A 186 1.99 16.45 -0.13
N GLU A 187 2.20 15.29 -0.74
CA GLU A 187 1.48 15.02 -1.97
C GLU A 187 0.20 14.30 -1.65
N LYS A 188 -0.84 14.62 -2.41
CA LYS A 188 -2.19 14.08 -2.19
C LYS A 188 -2.27 12.77 -2.96
N GLY A 189 -1.58 11.77 -2.43
CA GLY A 189 -1.22 10.63 -3.23
C GLY A 189 0.18 10.81 -3.77
N VAL A 190 1.13 10.00 -3.28
CA VAL A 190 2.55 10.25 -3.51
C VAL A 190 2.84 10.38 -5.00
N GLY A 191 2.23 9.54 -5.82
CA GLY A 191 2.47 9.64 -7.24
C GLY A 191 2.07 10.97 -7.85
N ASN A 192 1.18 11.72 -7.22
CA ASN A 192 0.78 13.00 -7.82
C ASN A 192 1.94 14.01 -7.91
N GLY A 193 2.89 13.95 -6.95
CA GLY A 193 4.05 14.85 -7.01
C GLY A 193 4.88 14.60 -8.25
N ILE A 194 5.01 13.33 -8.62
CA ILE A 194 5.75 12.98 -9.81
C ILE A 194 4.98 13.35 -11.06
N LEU A 195 3.65 13.10 -11.03
CA LEU A 195 2.82 13.47 -12.16
C LEU A 195 2.87 14.96 -12.39
N ASP A 196 2.57 15.75 -11.36
CA ASP A 196 2.61 17.21 -11.50
C ASP A 196 3.95 17.69 -12.05
N ALA A 197 5.04 17.07 -11.66
CA ALA A 197 6.35 17.58 -12.07
C ALA A 197 6.93 16.91 -13.30
N ARG A 198 6.14 16.09 -13.98
CA ARG A 198 6.70 15.17 -14.96
C ARG A 198 7.51 15.87 -16.03
N GLU A 199 7.12 17.10 -16.41
CA GLU A 199 7.80 17.81 -17.49
C GLU A 199 9.17 18.34 -17.07
N HIS A 200 9.44 18.33 -15.79
CA HIS A 200 10.57 19.08 -15.25
C HIS A 200 11.40 18.24 -14.32
N LEU A 201 11.00 16.98 -14.07
CA LEU A 201 11.59 16.18 -13.00
C LEU A 201 12.87 15.52 -13.49
N LYS A 202 14.00 15.85 -12.87
CA LYS A 202 15.27 15.27 -13.27
C LYS A 202 16.00 14.60 -12.11
N TYR A 203 15.46 14.64 -10.91
CA TYR A 203 16.20 14.10 -9.79
C TYR A 203 15.24 13.77 -8.68
N ILE A 204 15.49 12.67 -7.98
CA ILE A 204 14.63 12.33 -6.86
C ILE A 204 15.45 11.65 -5.78
N HIS A 205 15.27 12.12 -4.54
CA HIS A 205 15.74 11.46 -3.34
C HIS A 205 14.81 10.32 -2.96
N LEU A 206 15.37 9.13 -2.84
CA LEU A 206 14.66 7.96 -2.38
C LEU A 206 15.01 7.83 -0.91
N SER A 207 14.20 8.43 -0.09
CA SER A 207 14.39 8.45 1.34
C SER A 207 13.12 7.92 1.96
N GLU A 208 13.31 7.10 2.97
CA GLU A 208 12.21 6.58 3.74
C GLU A 208 11.54 7.66 4.57
N SER A 209 10.32 7.34 4.99
CA SER A 209 9.44 8.29 5.67
C SER A 209 10.01 8.82 6.98
N ASP A 210 10.91 8.09 7.64
CA ASP A 210 11.56 8.54 8.86
C ASP A 210 13.05 8.83 8.67
N ARG A 211 13.48 9.00 7.43
CA ARG A 211 14.86 9.17 7.04
C ARG A 211 15.73 7.96 7.39
N GLY A 212 15.14 6.80 7.63
CA GLY A 212 15.88 5.60 7.97
C GLY A 212 16.21 4.72 6.78
N THR A 213 15.75 3.47 6.82
CA THR A 213 16.13 2.48 5.84
C THR A 213 15.04 2.37 4.80
N PRO A 214 15.31 2.69 3.55
CA PRO A 214 14.31 2.49 2.52
C PRO A 214 13.77 1.07 2.49
N GLY A 215 12.45 0.98 2.35
CA GLY A 215 11.70 -0.25 2.35
C GLY A 215 11.06 -0.55 3.69
N TYR A 216 11.49 0.12 4.75
CA TYR A 216 11.09 -0.21 6.10
C TYR A 216 10.47 1.00 6.80
N GLY A 217 9.66 1.74 6.08
CA GLY A 217 8.85 2.78 6.67
C GLY A 217 7.43 2.86 6.14
N THR A 218 6.95 4.06 5.82
CA THR A 218 5.61 4.19 5.28
C THR A 218 5.58 4.69 3.84
N CYS A 219 6.71 4.86 3.17
CA CYS A 219 6.64 5.35 1.80
C CYS A 219 5.97 4.33 0.89
N GLY A 220 5.19 4.81 -0.11
CA GLY A 220 4.55 3.93 -1.09
C GLY A 220 5.48 3.63 -2.26
N TRP A 221 6.44 2.73 -2.02
CA TRP A 221 7.50 2.51 -2.99
C TRP A 221 6.98 2.04 -4.32
N ASP A 222 6.00 1.11 -4.31
CA ASP A 222 5.49 0.59 -5.58
C ASP A 222 4.85 1.69 -6.40
N GLU A 223 3.98 2.50 -5.80
CA GLU A 223 3.42 3.65 -6.53
C GLU A 223 4.52 4.58 -7.02
N ILE A 224 5.54 4.84 -6.20
CA ILE A 224 6.59 5.78 -6.61
C ILE A 224 7.31 5.26 -7.85
N PHE A 225 7.76 4.01 -7.79
CA PHE A 225 8.54 3.44 -8.89
C PHE A 225 7.72 3.20 -10.14
N SER A 226 6.48 2.73 -9.98
CA SER A 226 5.59 2.60 -11.14
C SER A 226 5.38 3.94 -11.81
N THR A 227 5.10 4.99 -11.02
CA THR A 227 4.86 6.30 -11.62
C THR A 227 6.11 6.85 -12.29
N LEU A 228 7.28 6.64 -11.68
CA LEU A 228 8.51 7.10 -12.30
C LEU A 228 8.69 6.42 -13.65
N ALA A 229 8.51 5.09 -13.67
CA ALA A 229 8.63 4.39 -14.95
C ALA A 229 7.57 4.84 -15.95
N ALA A 230 6.35 5.06 -15.51
CA ALA A 230 5.30 5.50 -16.44
C ALA A 230 5.60 6.86 -17.06
N ILE A 231 6.20 7.81 -16.31
CA ILE A 231 6.51 9.06 -16.97
C ILE A 231 7.82 8.99 -17.74
N GLY A 232 8.51 7.86 -17.69
CA GLY A 232 9.76 7.69 -18.41
C GLY A 232 10.93 8.41 -17.78
N PHE A 233 11.03 8.39 -16.46
CA PHE A 233 12.03 9.14 -15.74
C PHE A 233 13.40 8.58 -16.09
N LYS A 234 14.32 9.44 -16.54
CA LYS A 234 15.66 9.04 -16.95
C LYS A 234 16.76 9.75 -16.14
N GLY A 235 16.38 10.51 -15.11
CA GLY A 235 17.32 11.26 -14.30
C GLY A 235 17.85 10.46 -13.13
N GLY A 236 18.23 11.17 -12.06
CA GLY A 236 19.00 10.53 -11.00
C GLY A 236 18.14 10.03 -9.85
N LEU A 237 18.49 8.81 -9.37
CA LEU A 237 17.83 8.13 -8.27
C LEU A 237 18.81 8.11 -7.13
N ALA A 238 18.59 8.92 -6.09
CA ALA A 238 19.60 9.13 -5.06
C ALA A 238 19.06 8.74 -3.70
N MET A 239 19.70 7.77 -3.07
CA MET A 239 19.32 7.42 -1.71
C MET A 239 19.79 8.49 -0.74
N GLU A 240 18.90 8.90 0.17
CA GLU A 240 19.22 9.83 1.23
C GLU A 240 18.72 9.20 2.54
N SER A 241 19.63 9.02 3.48
CA SER A 241 19.30 8.66 4.85
C SER A 241 20.18 9.52 5.74
N PHE A 242 19.67 9.90 6.90
CA PHE A 242 20.44 10.75 7.79
C PHE A 242 21.26 9.95 8.79
N ILE A 243 21.38 8.64 8.58
CA ILE A 243 22.24 7.83 9.45
C ILE A 243 23.67 8.35 9.39
N ASN A 244 24.31 8.39 10.56
CA ASN A 244 25.72 8.75 10.71
C ASN A 244 26.00 10.19 10.27
N MET A 245 24.95 10.99 10.18
CA MET A 245 25.09 12.43 10.02
C MET A 245 25.65 13.05 11.29
N PRO A 246 26.60 13.98 11.18
CA PRO A 246 27.10 14.68 12.38
C PRO A 246 25.94 15.23 13.19
N PRO A 247 26.11 15.43 14.51
CA PRO A 247 24.96 15.83 15.31
C PRO A 247 24.41 17.22 15.01
N GLU A 248 25.25 18.26 14.85
CA GLU A 248 24.72 19.62 14.71
C GLU A 248 23.87 19.77 13.45
N VAL A 249 24.25 19.07 12.36
CA VAL A 249 23.48 19.12 11.12
C VAL A 249 22.18 18.31 11.25
N ALA A 250 22.25 17.15 11.93
CA ALA A 250 21.06 16.34 12.19
C ALA A 250 20.01 17.11 13.00
N TYR A 251 20.46 17.88 14.00
CA TYR A 251 19.52 18.66 14.79
C TYR A 251 18.82 19.73 13.94
N GLY A 252 19.54 20.36 13.01
CA GLY A 252 18.93 21.37 12.17
C GLY A 252 17.69 20.88 11.43
N LEU A 253 17.62 19.58 11.15
CA LEU A 253 16.57 18.96 10.34
C LEU A 253 15.59 18.14 11.17
N ALA A 254 15.60 18.31 12.48
CA ALA A 254 14.65 17.71 13.41
C ALA A 254 14.90 16.22 13.61
N VAL A 255 16.15 15.78 13.50
CA VAL A 255 16.55 14.43 13.87
C VAL A 255 16.89 14.45 15.37
N TRP A 256 15.94 14.03 16.19
CA TRP A 256 16.06 14.01 17.62
C TRP A 256 16.47 12.65 18.17
N ARG A 257 16.52 11.62 17.32
CA ARG A 257 16.83 10.25 17.71
C ARG A 257 17.39 9.52 16.50
N PRO A 258 18.08 8.41 16.71
CA PRO A 258 18.62 7.67 15.55
C PRO A 258 17.48 7.33 14.59
N VAL A 259 17.76 7.52 13.30
CA VAL A 259 16.85 7.06 12.26
C VAL A 259 16.96 5.57 11.99
N ALA A 260 18.03 4.93 12.45
CA ALA A 260 18.40 3.59 12.03
C ALA A 260 19.61 3.15 12.82
N LYS A 261 19.84 1.83 12.86
CA LYS A 261 20.86 1.27 13.75
C LYS A 261 22.25 1.77 13.41
N ASP A 262 22.57 1.89 12.12
CA ASP A 262 23.91 2.18 11.63
C ASP A 262 23.94 2.07 10.12
N GLU A 263 25.08 2.38 9.50
CA GLU A 263 25.17 2.24 8.05
C GLU A 263 24.95 0.80 7.59
N GLU A 264 25.32 -0.20 8.40
CA GLU A 264 25.15 -1.56 7.94
C GLU A 264 23.70 -1.80 7.51
N GLU A 265 22.74 -1.38 8.35
CA GLU A 265 21.34 -1.62 8.02
C GLU A 265 20.93 -0.77 6.82
N VAL A 266 21.24 0.52 6.82
CA VAL A 266 20.67 1.41 5.81
C VAL A 266 21.18 1.05 4.41
N MET A 267 22.50 0.89 4.24
CA MET A 267 22.98 0.56 2.91
C MET A 267 22.83 -0.93 2.61
N GLY A 268 22.90 -1.77 3.64
CA GLY A 268 22.81 -3.21 3.41
C GLY A 268 21.41 -3.70 3.10
N ASN A 269 20.39 -3.08 3.69
CA ASN A 269 18.99 -3.39 3.40
C ASN A 269 18.38 -2.42 2.40
N GLY A 270 18.59 -1.11 2.57
CA GLY A 270 17.88 -0.16 1.73
C GLY A 270 18.37 -0.13 0.29
N LEU A 271 19.70 -0.14 0.08
CA LEU A 271 20.16 -0.02 -1.30
C LEU A 271 19.72 -1.19 -2.17
N PRO A 272 19.84 -2.45 -1.73
CA PRO A 272 19.29 -3.57 -2.53
C PRO A 272 17.80 -3.46 -2.72
N PHE A 273 17.06 -3.01 -1.69
CA PHE A 273 15.62 -2.85 -1.88
C PHE A 273 15.33 -1.85 -2.99
N LEU A 274 16.02 -0.70 -2.99
CA LEU A 274 15.72 0.32 -4.00
C LEU A 274 16.16 -0.14 -5.38
N ARG A 275 17.30 -0.78 -5.47
CA ARG A 275 17.74 -1.19 -6.80
C ARG A 275 16.88 -2.33 -7.32
N ASN A 276 16.40 -3.20 -6.42
CA ASN A 276 15.45 -4.23 -6.84
C ASN A 276 14.15 -3.62 -7.36
N LYS A 277 13.65 -2.58 -6.68
CA LYS A 277 12.41 -1.94 -7.17
C LYS A 277 12.67 -1.24 -8.50
N ALA A 278 13.83 -0.62 -8.64
CA ALA A 278 14.14 0.03 -9.91
C ALA A 278 14.13 -1.00 -11.02
N LYS A 279 14.64 -2.20 -10.73
CA LYS A 279 14.68 -3.24 -11.75
C LYS A 279 13.28 -3.76 -12.02
N GLN A 280 12.52 -4.01 -10.95
CA GLN A 280 11.15 -4.52 -11.04
C GLN A 280 10.31 -3.71 -12.01
N TYR A 281 10.41 -2.37 -11.91
CA TYR A 281 9.58 -1.49 -12.71
C TYR A 281 10.29 -0.96 -13.94
N GLY A 282 11.43 -1.54 -14.30
CA GLY A 282 12.01 -1.31 -15.60
C GLY A 282 12.68 0.04 -15.77
N LEU A 283 13.11 0.66 -14.66
CA LEU A 283 13.98 1.83 -14.72
C LEU A 283 15.46 1.46 -14.79
N ILE A 284 15.82 0.38 -14.09
CA ILE A 284 17.16 -0.19 -13.88
C ILE A 284 18.22 0.86 -13.92
N THR B 2 -13.65 4.52 -29.29
CA THR B 2 -12.75 4.61 -28.13
C THR B 2 -13.46 5.22 -26.91
N MET B 3 -13.66 4.40 -25.89
CA MET B 3 -14.52 4.81 -24.79
C MET B 3 -13.88 5.94 -23.99
N GLN B 4 -14.71 6.64 -23.24
CA GLN B 4 -14.24 7.74 -22.40
C GLN B 4 -15.04 7.77 -21.10
N GLY B 5 -14.34 8.07 -20.02
CA GLY B 5 -14.99 8.31 -18.76
C GLY B 5 -15.22 7.05 -17.97
N PHE B 6 -16.32 7.04 -17.22
CA PHE B 6 -16.66 5.99 -16.28
C PHE B 6 -17.84 5.19 -16.78
N GLY B 7 -17.75 3.87 -16.58
CA GLY B 7 -18.78 2.97 -17.04
C GLY B 7 -18.93 1.82 -16.07
N VAL B 8 -19.87 0.95 -16.39
CA VAL B 8 -20.20 -0.15 -15.49
C VAL B 8 -20.52 -1.38 -16.33
N HIS B 9 -20.00 -2.51 -15.87
CA HIS B 9 -20.34 -3.81 -16.43
C HIS B 9 -21.74 -4.20 -15.96
N THR B 10 -22.65 -4.43 -16.91
CA THR B 10 -24.07 -4.58 -16.55
C THR B 10 -24.40 -5.91 -15.84
N SER B 11 -23.46 -6.83 -15.67
CA SER B 11 -23.71 -8.04 -14.88
C SER B 11 -24.25 -7.73 -13.48
N MET B 12 -24.12 -6.50 -12.98
CA MET B 12 -24.72 -6.18 -11.69
C MET B 12 -26.25 -6.13 -11.71
N TRP B 13 -26.86 -6.06 -12.88
CA TRP B 13 -28.32 -5.98 -12.97
C TRP B 13 -28.93 -6.98 -13.88
N THR B 14 -28.15 -7.60 -14.76
CA THR B 14 -28.62 -8.69 -15.60
C THR B 14 -27.41 -9.33 -16.25
N MET B 15 -27.41 -10.66 -16.30
CA MET B 15 -26.44 -11.34 -17.16
C MET B 15 -27.02 -11.65 -18.52
N ASN B 16 -28.34 -11.71 -18.64
CA ASN B 16 -28.98 -11.95 -19.92
C ASN B 16 -29.51 -10.64 -20.45
N TRP B 17 -28.98 -10.21 -21.59
CA TRP B 17 -29.37 -8.96 -22.24
C TRP B 17 -30.66 -9.20 -23.04
N ASP B 18 -31.73 -9.55 -22.33
CA ASP B 18 -33.05 -9.58 -22.93
C ASP B 18 -33.70 -8.22 -22.72
N ARG B 19 -34.95 -8.07 -23.16
CA ARG B 19 -35.53 -6.73 -23.13
C ARG B 19 -35.66 -6.17 -21.71
N PRO B 20 -36.25 -6.88 -20.74
CA PRO B 20 -36.33 -6.30 -19.39
C PRO B 20 -34.94 -6.09 -18.77
N GLY B 21 -33.99 -6.97 -19.11
CA GLY B 21 -32.63 -6.82 -18.59
C GLY B 21 -31.96 -5.57 -19.13
N ALA B 22 -32.09 -5.31 -20.43
CA ALA B 22 -31.52 -4.12 -21.01
C ALA B 22 -32.10 -2.88 -20.34
N GLU B 23 -33.43 -2.86 -20.17
CA GLU B 23 -34.07 -1.71 -19.55
C GLU B 23 -33.59 -1.53 -18.12
N ARG B 24 -33.42 -2.62 -17.38
CA ARG B 24 -33.03 -2.49 -15.97
C ARG B 24 -31.59 -2.01 -15.84
N ALA B 25 -30.72 -2.45 -16.75
CA ALA B 25 -29.34 -2.02 -16.77
C ALA B 25 -29.26 -0.56 -17.16
N VAL B 26 -29.99 -0.16 -18.20
CA VAL B 26 -29.92 1.23 -18.63
C VAL B 26 -30.46 2.14 -17.54
N ALA B 27 -31.53 1.73 -16.88
CA ALA B 27 -32.06 2.57 -15.79
C ALA B 27 -31.01 2.74 -14.69
N ALA B 28 -30.38 1.64 -14.29
CA ALA B 28 -29.33 1.70 -13.28
C ALA B 28 -28.22 2.63 -13.73
N ALA B 29 -27.77 2.50 -14.98
CA ALA B 29 -26.70 3.36 -15.45
C ALA B 29 -27.06 4.85 -15.37
N LEU B 30 -28.31 5.19 -15.65
CA LEU B 30 -28.71 6.60 -15.54
C LEU B 30 -28.78 7.02 -14.07
N LYS B 31 -29.25 6.11 -13.20
CA LYS B 31 -29.28 6.38 -11.77
C LYS B 31 -27.90 6.79 -11.27
N TYR B 32 -26.87 6.02 -11.61
CA TYR B 32 -25.53 6.29 -11.13
C TYR B 32 -24.74 7.22 -12.04
N GLU B 33 -25.38 7.70 -13.11
CA GLU B 33 -24.85 8.78 -13.95
C GLU B 33 -23.53 8.44 -14.60
N VAL B 34 -23.41 7.21 -15.11
CA VAL B 34 -22.19 6.80 -15.80
C VAL B 34 -22.27 7.22 -17.25
N ASP B 35 -21.14 7.16 -17.94
CA ASP B 35 -21.01 7.53 -19.33
C ASP B 35 -21.23 6.38 -20.30
N PHE B 36 -21.08 5.15 -19.86
CA PHE B 36 -21.17 4.03 -20.78
C PHE B 36 -21.42 2.77 -19.98
N ILE B 37 -22.00 1.79 -20.67
CA ILE B 37 -22.18 0.47 -20.13
C ILE B 37 -21.41 -0.53 -20.99
N GLU B 38 -20.98 -1.59 -20.35
CA GLU B 38 -20.44 -2.75 -21.03
C GLU B 38 -21.50 -3.83 -21.00
N ILE B 39 -21.93 -4.28 -22.17
CA ILE B 39 -23.01 -5.25 -22.30
C ILE B 39 -22.38 -6.62 -22.49
N PRO B 40 -22.50 -7.58 -21.58
CA PRO B 40 -22.12 -8.96 -21.82
C PRO B 40 -23.03 -9.63 -22.84
N MET B 41 -22.41 -10.36 -23.76
CA MET B 41 -23.12 -11.13 -24.79
C MET B 41 -22.84 -12.60 -24.53
N LEU B 42 -23.60 -13.16 -23.57
CA LEU B 42 -23.65 -14.61 -23.40
C LEU B 42 -24.05 -15.31 -24.68
N ASN B 43 -25.14 -14.85 -25.30
CA ASN B 43 -25.82 -15.50 -26.41
C ASN B 43 -26.05 -14.45 -27.49
N PRO B 44 -25.03 -14.16 -28.29
CA PRO B 44 -25.10 -13.02 -29.20
C PRO B 44 -26.34 -13.05 -30.09
N PRO B 45 -26.71 -14.18 -30.67
CA PRO B 45 -27.88 -14.16 -31.56
C PRO B 45 -29.17 -13.69 -30.88
N ALA B 46 -29.29 -13.83 -29.56
CA ALA B 46 -30.53 -13.50 -28.85
C ALA B 46 -30.74 -12.00 -28.64
N VAL B 47 -29.77 -11.16 -29.03
CA VAL B 47 -29.81 -9.75 -28.65
C VAL B 47 -30.67 -8.95 -29.62
N ASP B 48 -31.55 -8.13 -29.08
CA ASP B 48 -32.37 -7.22 -29.88
C ASP B 48 -31.56 -5.95 -30.11
N THR B 49 -30.93 -5.85 -31.28
CA THR B 49 -30.04 -4.72 -31.52
C THR B 49 -30.79 -3.41 -31.58
N GLU B 50 -32.06 -3.39 -32.07
CA GLU B 50 -32.69 -2.08 -32.29
C GLU B 50 -33.26 -1.53 -31.00
N HIS B 51 -33.78 -2.41 -30.14
CA HIS B 51 -34.15 -1.97 -28.80
C HIS B 51 -32.96 -1.37 -28.08
N THR B 52 -31.83 -2.08 -28.07
CA THR B 52 -30.67 -1.57 -27.35
C THR B 52 -30.18 -0.28 -27.99
N ARG B 53 -30.04 -0.26 -29.32
CA ARG B 53 -29.60 0.97 -29.98
C ARG B 53 -30.48 2.16 -29.61
N ALA B 54 -31.80 1.97 -29.60
CA ALA B 54 -32.71 3.06 -29.27
C ALA B 54 -32.56 3.49 -27.81
N LEU B 55 -32.47 2.52 -26.90
CA LEU B 55 -32.18 2.88 -25.51
C LEU B 55 -30.92 3.72 -25.40
N LEU B 56 -29.84 3.30 -26.06
CA LEU B 56 -28.57 3.98 -25.86
C LEU B 56 -28.66 5.40 -26.40
N GLU B 57 -29.31 5.57 -27.55
CA GLU B 57 -29.42 6.91 -28.15
C GLU B 57 -30.38 7.80 -27.36
N LYS B 58 -31.54 7.28 -26.96
CA LYS B 58 -32.48 8.08 -26.18
C LYS B 58 -31.83 8.63 -24.92
N ASN B 59 -31.06 7.80 -24.24
CA ASN B 59 -30.45 8.17 -22.97
C ASN B 59 -29.00 8.58 -23.11
N GLU B 60 -28.56 8.90 -24.34
CA GLU B 60 -27.22 9.44 -24.60
C GLU B 60 -26.14 8.64 -23.87
N LEU B 61 -26.22 7.34 -24.02
CA LEU B 61 -25.34 6.39 -23.37
C LEU B 61 -24.52 5.68 -24.43
N ARG B 62 -23.23 5.50 -24.19
CA ARG B 62 -22.41 4.73 -25.11
C ARG B 62 -22.22 3.33 -24.56
N ALA B 63 -21.79 2.42 -25.43
CA ALA B 63 -21.71 1.02 -25.05
C ALA B 63 -20.56 0.32 -25.75
N LEU B 64 -20.10 -0.73 -25.10
CA LEU B 64 -19.30 -1.76 -25.74
C LEU B 64 -19.83 -3.09 -25.23
N CYS B 65 -19.29 -4.16 -25.77
CA CYS B 65 -19.74 -5.52 -25.53
C CYS B 65 -18.55 -6.40 -25.18
N SER B 66 -18.77 -7.39 -24.33
CA SER B 66 -17.74 -8.38 -24.08
C SER B 66 -18.34 -9.78 -24.13
N LEU B 67 -17.45 -10.76 -24.30
CA LEU B 67 -17.83 -12.16 -24.24
C LEU B 67 -16.59 -12.96 -23.89
N GLY B 68 -16.81 -14.24 -23.61
CA GLY B 68 -15.76 -15.25 -23.66
C GLY B 68 -16.22 -16.36 -24.59
N LEU B 69 -15.28 -16.96 -25.32
CA LEU B 69 -15.67 -17.94 -26.32
C LEU B 69 -16.15 -19.24 -25.66
N PRO B 70 -17.25 -19.82 -26.15
CA PRO B 70 -17.63 -21.15 -25.66
C PRO B 70 -16.67 -22.21 -26.18
N GLU B 71 -16.64 -23.33 -25.46
CA GLU B 71 -15.63 -24.36 -25.73
C GLU B 71 -15.68 -24.85 -27.17
N ARG B 72 -16.89 -25.00 -27.75
CA ARG B 72 -16.97 -25.43 -29.15
C ARG B 72 -16.20 -24.48 -30.07
N ALA B 73 -15.85 -23.27 -29.60
CA ALA B 73 -15.22 -22.26 -30.45
C ALA B 73 -13.97 -21.63 -29.82
N TRP B 74 -13.31 -22.33 -28.91
CA TRP B 74 -12.01 -21.86 -28.40
C TRP B 74 -11.01 -21.68 -29.53
N ALA B 75 -10.51 -20.44 -29.70
CA ALA B 75 -9.64 -20.13 -30.84
C ALA B 75 -8.39 -21.01 -30.86
N SER B 76 -7.85 -21.36 -29.68
CA SER B 76 -6.57 -22.07 -29.65
C SER B 76 -6.64 -23.42 -30.38
N VAL B 77 -7.83 -24.03 -30.47
CA VAL B 77 -7.94 -25.38 -31.03
C VAL B 77 -9.00 -25.48 -32.12
N ARG B 78 -9.96 -24.57 -32.18
CA ARG B 78 -11.06 -24.66 -33.16
C ARG B 78 -11.23 -23.30 -33.81
N PRO B 79 -10.20 -22.83 -34.52
CA PRO B 79 -10.19 -21.43 -34.93
C PRO B 79 -11.30 -21.08 -35.90
N ASP B 80 -11.72 -22.01 -36.77
CA ASP B 80 -12.76 -21.65 -37.75
C ASP B 80 -14.09 -21.43 -37.05
N ALA B 81 -14.42 -22.27 -36.09
CA ALA B 81 -15.58 -21.99 -35.25
C ALA B 81 -15.42 -20.65 -34.51
N ALA B 82 -14.22 -20.33 -34.04
CA ALA B 82 -14.05 -19.08 -33.30
C ALA B 82 -14.28 -17.87 -34.21
N ILE B 83 -13.67 -17.89 -35.39
CA ILE B 83 -13.95 -16.83 -36.37
C ILE B 83 -15.44 -16.68 -36.56
N GLU B 84 -16.17 -17.80 -36.71
CA GLU B 84 -17.60 -17.74 -36.99
C GLU B 84 -18.35 -17.12 -35.81
N HIS B 85 -17.96 -17.54 -34.60
CA HIS B 85 -18.63 -17.03 -33.41
C HIS B 85 -18.35 -15.54 -33.22
N LEU B 86 -17.13 -15.09 -33.53
CA LEU B 86 -16.77 -13.69 -33.33
C LEU B 86 -17.46 -12.80 -34.36
N LYS B 87 -17.55 -13.25 -35.62
CA LYS B 87 -18.24 -12.46 -36.62
C LYS B 87 -19.69 -12.18 -36.22
N VAL B 88 -20.40 -13.20 -35.72
CA VAL B 88 -21.74 -12.94 -35.22
C VAL B 88 -21.70 -11.89 -34.10
N ALA B 89 -20.86 -12.11 -33.11
CA ALA B 89 -20.77 -11.18 -31.98
C ALA B 89 -20.35 -9.80 -32.43
N ILE B 90 -19.39 -9.72 -33.35
CA ILE B 90 -18.97 -8.41 -33.87
C ILE B 90 -20.14 -7.69 -34.53
N ASP B 91 -20.96 -8.42 -35.30
CA ASP B 91 -22.05 -7.80 -36.03
C ASP B 91 -23.15 -7.32 -35.09
N LYS B 92 -23.53 -8.14 -34.10
CA LYS B 92 -24.49 -7.67 -33.10
C LYS B 92 -23.96 -6.43 -32.40
N THR B 93 -22.70 -6.45 -31.97
CA THR B 93 -22.15 -5.27 -31.29
C THR B 93 -22.31 -4.03 -32.15
N ALA B 94 -21.90 -4.12 -33.40
CA ALA B 94 -22.03 -2.96 -34.28
C ALA B 94 -23.48 -2.53 -34.40
N ASP B 95 -24.39 -3.49 -34.64
CA ASP B 95 -25.78 -3.14 -34.94
C ASP B 95 -26.43 -2.39 -33.78
N LEU B 96 -26.15 -2.80 -32.53
CA LEU B 96 -26.76 -2.16 -31.38
C LEU B 96 -26.10 -0.84 -31.00
N GLY B 97 -25.04 -0.44 -31.70
CA GLY B 97 -24.32 0.80 -31.40
C GLY B 97 -23.08 0.64 -30.52
N GLY B 98 -22.55 -0.58 -30.40
CA GLY B 98 -21.35 -0.78 -29.64
C GLY B 98 -20.12 -0.30 -30.36
N GLU B 99 -19.15 0.22 -29.60
CA GLU B 99 -17.91 0.71 -30.19
C GLU B 99 -16.83 -0.34 -30.20
N ALA B 100 -17.02 -1.42 -29.47
CA ALA B 100 -15.98 -2.42 -29.33
C ALA B 100 -16.56 -3.73 -28.85
N LEU B 101 -15.90 -4.83 -29.20
CA LEU B 101 -16.10 -6.13 -28.60
C LEU B 101 -14.80 -6.50 -27.90
N SER B 102 -14.85 -6.69 -26.59
CA SER B 102 -13.67 -6.96 -25.79
C SER B 102 -13.89 -8.19 -24.91
N GLY B 103 -12.87 -8.54 -24.15
CA GLY B 103 -12.96 -9.67 -23.24
C GLY B 103 -12.07 -10.81 -23.63
N VAL B 104 -12.45 -12.03 -23.26
CA VAL B 104 -11.64 -13.20 -23.61
C VAL B 104 -12.06 -13.62 -25.01
N ILE B 105 -11.77 -12.77 -26.01
CA ILE B 105 -12.16 -13.07 -27.39
C ILE B 105 -11.20 -14.01 -28.07
N TYR B 106 -10.19 -14.53 -27.36
CA TYR B 106 -9.16 -15.38 -27.92
C TYR B 106 -9.22 -16.79 -27.38
N GLY B 107 -10.14 -17.07 -26.46
CA GLY B 107 -10.31 -18.37 -25.85
C GLY B 107 -11.52 -18.31 -24.97
N GLY B 108 -11.59 -19.15 -23.94
CA GLY B 108 -12.73 -19.12 -23.05
C GLY B 108 -12.34 -19.34 -21.60
N ILE B 109 -13.21 -18.84 -20.71
CA ILE B 109 -13.03 -19.11 -19.29
C ILE B 109 -12.99 -20.62 -19.10
N GLY B 110 -11.87 -21.12 -18.58
CA GLY B 110 -11.76 -22.54 -18.30
C GLY B 110 -10.83 -23.33 -19.21
N GLU B 111 -10.13 -22.68 -20.13
CA GLU B 111 -9.07 -23.38 -20.85
C GLU B 111 -7.88 -23.63 -19.94
N ARG B 112 -7.34 -24.83 -20.03
CA ARG B 112 -6.16 -25.27 -19.28
C ARG B 112 -5.67 -26.60 -19.88
N THR B 113 -4.47 -26.62 -20.44
CA THR B 113 -3.88 -27.85 -20.92
C THR B 113 -3.03 -28.51 -19.86
N GLY B 114 -2.74 -27.77 -18.79
CA GLY B 114 -1.82 -28.22 -17.79
C GLY B 114 -0.37 -28.03 -18.15
N VAL B 115 -0.07 -27.43 -19.30
CA VAL B 115 1.31 -27.11 -19.67
C VAL B 115 1.39 -25.66 -20.17
N PRO B 116 2.60 -25.12 -20.37
CA PRO B 116 2.69 -23.76 -20.86
C PRO B 116 2.04 -23.62 -22.22
N PRO B 117 1.59 -22.41 -22.58
CA PRO B 117 1.01 -22.19 -23.89
C PRO B 117 2.06 -22.46 -24.96
N THR B 118 1.63 -23.08 -26.06
CA THR B 118 2.52 -23.49 -27.14
C THR B 118 2.42 -22.51 -28.30
N GLU B 119 3.42 -22.60 -29.18
CA GLU B 119 3.42 -21.76 -30.38
C GLU B 119 2.21 -22.07 -31.25
N ALA B 120 1.82 -23.35 -31.38
CA ALA B 120 0.72 -23.68 -32.27
C ALA B 120 -0.57 -23.05 -31.76
N GLU B 121 -0.76 -23.06 -30.44
CA GLU B 121 -1.92 -22.42 -29.83
C GLU B 121 -1.97 -20.95 -30.20
N TYR B 122 -0.82 -20.26 -30.07
CA TYR B 122 -0.81 -18.83 -30.41
C TYR B 122 -1.02 -18.62 -31.91
N ASP B 123 -0.58 -19.55 -32.75
CA ASP B 123 -0.74 -19.33 -34.18
C ASP B 123 -2.22 -19.31 -34.56
N ASN B 124 -2.98 -20.23 -34.01
CA ASN B 124 -4.42 -20.26 -34.22
C ASN B 124 -5.07 -18.98 -33.71
N ILE B 125 -4.73 -18.57 -32.50
CA ILE B 125 -5.28 -17.32 -31.95
C ILE B 125 -5.00 -16.17 -32.89
N ALA B 126 -3.76 -16.03 -33.34
CA ALA B 126 -3.40 -14.93 -34.24
C ALA B 126 -4.24 -14.96 -35.51
N ARG B 127 -4.42 -16.15 -36.09
CA ARG B 127 -5.27 -16.29 -37.28
C ARG B 127 -6.71 -15.91 -36.98
N VAL B 128 -7.23 -16.38 -35.85
CA VAL B 128 -8.58 -15.99 -35.45
C VAL B 128 -8.66 -14.48 -35.27
N LEU B 129 -7.63 -13.86 -34.69
CA LEU B 129 -7.76 -12.44 -34.38
C LEU B 129 -7.60 -11.59 -35.62
N SER B 130 -6.75 -12.00 -36.55
CA SER B 130 -6.56 -11.24 -37.79
C SER B 130 -7.85 -11.23 -38.61
N ALA B 131 -8.51 -12.38 -38.71
CA ALA B 131 -9.83 -12.44 -39.36
C ALA B 131 -10.85 -11.56 -38.62
N ALA B 132 -10.91 -11.70 -37.30
CA ALA B 132 -11.94 -11.00 -36.55
C ALA B 132 -11.75 -9.51 -36.66
N ALA B 133 -10.49 -9.04 -36.56
CA ALA B 133 -10.24 -7.61 -36.67
C ALA B 133 -10.67 -7.06 -38.02
N LYS B 134 -10.42 -7.80 -39.11
CA LYS B 134 -10.86 -7.30 -40.41
C LYS B 134 -12.38 -7.22 -40.44
N HIS B 135 -13.06 -8.21 -39.86
CA HIS B 135 -14.51 -8.10 -39.81
C HIS B 135 -14.97 -6.97 -38.89
N ALA B 136 -14.18 -6.64 -37.85
CA ALA B 136 -14.51 -5.53 -36.97
C ALA B 136 -14.29 -4.19 -37.66
N LYS B 137 -13.21 -4.06 -38.42
CA LYS B 137 -12.95 -2.82 -39.13
C LYS B 137 -14.03 -2.57 -40.19
N SER B 138 -14.49 -3.64 -40.83
CA SER B 138 -15.56 -3.51 -41.82
C SER B 138 -16.88 -3.04 -41.20
N ARG B 139 -17.10 -3.29 -39.89
CA ARG B 139 -18.28 -2.75 -39.21
C ARG B 139 -17.96 -1.53 -38.35
N GLY B 140 -16.74 -1.02 -38.41
CA GLY B 140 -16.43 0.25 -37.77
C GLY B 140 -16.18 0.18 -36.27
N ILE B 141 -15.85 -0.99 -35.72
CA ILE B 141 -15.60 -1.13 -34.30
C ILE B 141 -14.21 -1.72 -34.08
N GLU B 142 -13.76 -1.62 -32.83
CA GLU B 142 -12.51 -2.21 -32.37
C GLU B 142 -12.74 -3.51 -31.62
N LEU B 143 -11.64 -4.23 -31.42
CA LEU B 143 -11.60 -5.48 -30.67
C LEU B 143 -10.66 -5.33 -29.49
N GLY B 144 -11.03 -5.93 -28.35
CA GLY B 144 -10.20 -5.90 -27.16
C GLY B 144 -9.75 -7.29 -26.72
N VAL B 145 -8.49 -7.39 -26.31
CA VAL B 145 -7.93 -8.61 -25.73
C VAL B 145 -7.80 -8.40 -24.23
N GLU B 146 -8.59 -9.11 -23.43
CA GLU B 146 -8.51 -8.98 -21.97
C GLU B 146 -7.52 -10.03 -21.43
N ALA B 147 -6.49 -9.56 -20.73
CA ALA B 147 -5.64 -10.46 -19.96
C ALA B 147 -6.41 -10.97 -18.75
N VAL B 148 -6.44 -12.29 -18.54
CA VAL B 148 -7.16 -12.86 -17.39
C VAL B 148 -6.21 -13.76 -16.62
N ASN B 149 -6.61 -14.16 -15.41
CA ASN B 149 -5.58 -14.83 -14.61
C ASN B 149 -5.40 -16.30 -15.03
N ARG B 150 -4.27 -16.85 -14.56
CA ARG B 150 -3.79 -18.16 -14.92
C ARG B 150 -4.85 -19.23 -14.80
N TYR B 151 -5.83 -19.04 -13.90
CA TYR B 151 -6.78 -20.10 -13.65
C TYR B 151 -7.91 -20.15 -14.65
N GLU B 152 -8.17 -19.03 -15.30
CA GLU B 152 -9.27 -18.86 -16.24
C GLU B 152 -8.82 -19.18 -17.65
N ASN B 153 -7.54 -19.04 -17.91
CA ASN B 153 -7.01 -19.21 -19.26
C ASN B 153 -5.50 -19.28 -19.17
N HIS B 154 -4.88 -20.14 -19.98
CA HIS B 154 -3.44 -20.35 -19.85
C HIS B 154 -2.65 -19.59 -20.91
N LEU B 155 -3.32 -18.77 -21.72
CA LEU B 155 -2.67 -18.15 -22.87
C LEU B 155 -2.30 -16.68 -22.70
N ILE B 156 -3.18 -15.86 -22.14
CA ILE B 156 -2.90 -14.42 -22.05
C ILE B 156 -3.29 -13.97 -20.65
N ASN B 157 -2.29 -13.83 -19.79
CA ASN B 157 -2.51 -13.55 -18.38
C ASN B 157 -1.95 -12.18 -17.96
N THR B 158 -1.05 -11.60 -18.73
CA THR B 158 -0.37 -10.37 -18.33
C THR B 158 -0.50 -9.32 -19.41
N GLY B 159 -0.30 -8.06 -19.02
CA GLY B 159 -0.28 -7.00 -20.00
C GLY B 159 0.73 -7.25 -21.11
N TRP B 160 1.91 -7.77 -20.76
CA TRP B 160 2.92 -7.94 -21.81
C TRP B 160 2.57 -9.10 -22.75
N GLN B 161 1.95 -10.17 -22.25
CA GLN B 161 1.51 -11.21 -23.19
C GLN B 161 0.45 -10.67 -24.17
N ALA B 162 -0.46 -9.82 -23.68
CA ALA B 162 -1.48 -9.26 -24.56
C ALA B 162 -0.87 -8.41 -25.66
N VAL B 163 0.14 -7.60 -25.29
CA VAL B 163 0.84 -6.75 -26.26
C VAL B 163 1.56 -7.61 -27.29
N GLN B 164 2.19 -8.70 -26.85
CA GLN B 164 2.87 -9.59 -27.79
C GLN B 164 1.89 -10.20 -28.79
N MET B 165 0.66 -10.49 -28.37
CA MET B 165 -0.30 -11.00 -29.34
C MET B 165 -0.69 -9.92 -30.32
N ILE B 166 -0.84 -8.69 -29.82
CA ILE B 166 -1.28 -7.61 -30.69
C ILE B 166 -0.23 -7.27 -31.72
N GLU B 167 1.05 -7.42 -31.36
CA GLU B 167 2.10 -7.17 -32.34
C GLU B 167 2.14 -8.26 -33.40
N ARG B 168 1.97 -9.53 -33.02
CA ARG B 168 1.85 -10.59 -34.02
C ARG B 168 0.84 -10.20 -35.10
N VAL B 169 -0.42 -10.02 -34.67
CA VAL B 169 -1.51 -9.66 -35.58
C VAL B 169 -1.20 -8.36 -36.31
N GLY B 170 -0.70 -7.36 -35.60
CA GLY B 170 -0.45 -6.09 -36.26
C GLY B 170 -1.67 -5.49 -36.92
N ALA B 171 -2.82 -5.56 -36.25
CA ALA B 171 -4.02 -4.86 -36.70
C ALA B 171 -4.16 -3.57 -35.92
N ASP B 172 -4.48 -2.49 -36.64
CA ASP B 172 -4.72 -1.18 -36.07
C ASP B 172 -5.80 -1.17 -35.00
N ASN B 173 -6.77 -2.09 -35.08
CA ASN B 173 -8.02 -1.91 -34.35
C ASN B 173 -8.19 -2.91 -33.20
N ILE B 174 -7.09 -3.47 -32.69
CA ILE B 174 -7.12 -4.36 -31.53
C ILE B 174 -6.39 -3.69 -30.37
N PHE B 175 -7.05 -3.56 -29.23
CA PHE B 175 -6.46 -2.91 -28.06
C PHE B 175 -6.38 -3.90 -26.92
N VAL B 176 -5.64 -3.53 -25.88
CA VAL B 176 -5.52 -4.32 -24.67
C VAL B 176 -6.56 -3.89 -23.64
N HIS B 177 -7.05 -4.88 -22.91
CA HIS B 177 -8.10 -4.70 -21.90
C HIS B 177 -7.56 -5.36 -20.63
N LEU B 178 -7.35 -4.55 -19.59
CA LEU B 178 -6.77 -5.06 -18.34
C LEU B 178 -7.87 -5.07 -17.28
N ASP B 179 -7.65 -5.83 -16.24
CA ASP B 179 -8.62 -5.97 -15.16
C ASP B 179 -7.80 -6.04 -13.89
N THR B 180 -8.10 -5.18 -12.93
CA THR B 180 -7.29 -5.10 -11.72
C THR B 180 -7.44 -6.36 -10.87
N TYR B 181 -8.57 -7.03 -10.96
CA TYR B 181 -8.72 -8.32 -10.28
C TYR B 181 -7.75 -9.36 -10.82
N HIS B 182 -7.54 -9.37 -12.14
CA HIS B 182 -6.55 -10.28 -12.71
C HIS B 182 -5.13 -9.79 -12.49
N MET B 183 -4.91 -8.48 -12.59
CA MET B 183 -3.57 -7.92 -12.41
C MET B 183 -3.06 -8.18 -11.01
N ASN B 184 -3.98 -8.14 -10.05
CA ASN B 184 -3.66 -8.40 -8.65
C ASN B 184 -3.06 -9.78 -8.44
N ILE B 185 -3.36 -10.76 -9.31
CA ILE B 185 -2.69 -12.07 -9.27
C ILE B 185 -1.47 -12.08 -10.18
N GLU B 186 -1.57 -11.53 -11.39
CA GLU B 186 -0.60 -11.86 -12.44
C GLU B 186 0.58 -10.91 -12.57
N GLU B 187 0.42 -9.63 -12.22
CA GLU B 187 1.43 -8.65 -12.58
C GLU B 187 2.44 -8.53 -11.46
N LYS B 188 3.70 -8.41 -11.84
CA LYS B 188 4.79 -8.35 -10.86
C LYS B 188 4.92 -6.93 -10.31
N GLY B 189 3.93 -6.58 -9.48
CA GLY B 189 3.64 -5.20 -9.13
C GLY B 189 2.59 -4.70 -10.09
N VAL B 190 1.43 -4.25 -9.56
CA VAL B 190 0.24 -4.12 -10.39
C VAL B 190 0.45 -3.10 -11.49
N GLY B 191 1.16 -2.02 -11.18
CA GLY B 191 1.48 -1.03 -12.18
C GLY B 191 2.20 -1.59 -13.39
N ASN B 192 2.87 -2.74 -13.26
CA ASN B 192 3.62 -3.26 -14.39
C ASN B 192 2.69 -3.69 -15.52
N GLY B 193 1.45 -4.06 -15.21
CA GLY B 193 0.55 -4.45 -16.28
C GLY B 193 0.20 -3.26 -17.15
N ILE B 194 -0.11 -2.14 -16.51
CA ILE B 194 -0.39 -0.90 -17.22
C ILE B 194 0.83 -0.44 -17.97
N LEU B 195 2.00 -0.53 -17.33
CA LEU B 195 3.22 -0.10 -18.01
C LEU B 195 3.44 -0.89 -19.28
N ASP B 196 3.46 -2.22 -19.18
CA ASP B 196 3.72 -3.04 -20.35
C ASP B 196 2.72 -2.79 -21.47
N ALA B 197 1.47 -2.48 -21.14
CA ALA B 197 0.42 -2.36 -22.14
C ALA B 197 0.17 -0.93 -22.59
N ARG B 198 1.00 0.03 -22.16
CA ARG B 198 0.68 1.46 -22.27
C ARG B 198 0.36 1.94 -23.68
N GLU B 199 1.02 1.40 -24.70
CA GLU B 199 0.72 1.84 -26.05
C GLU B 199 -0.62 1.32 -26.58
N HIS B 200 -1.20 0.33 -25.92
CA HIS B 200 -2.35 -0.38 -26.48
C HIS B 200 -3.52 -0.46 -25.49
N LEU B 201 -3.42 0.20 -24.34
CA LEU B 201 -4.41 0.08 -23.28
C LEU B 201 -5.53 1.07 -23.55
N LYS B 202 -6.72 0.58 -23.90
CA LYS B 202 -7.85 1.46 -24.09
C LYS B 202 -8.99 1.20 -23.12
N TYR B 203 -8.88 0.21 -22.25
CA TYR B 203 -9.98 -0.16 -21.39
C TYR B 203 -9.50 -0.90 -20.16
N ILE B 204 -10.11 -0.63 -19.01
CA ILE B 204 -9.69 -1.31 -17.79
C ILE B 204 -10.87 -1.58 -16.90
N HIS B 205 -10.96 -2.81 -16.40
CA HIS B 205 -11.94 -3.20 -15.41
C HIS B 205 -11.42 -2.83 -14.03
N LEU B 206 -12.12 -1.93 -13.35
CA LEU B 206 -11.77 -1.56 -11.99
C LEU B 206 -12.57 -2.47 -11.08
N SER B 207 -11.95 -3.59 -10.71
CA SER B 207 -12.61 -4.65 -9.96
C SER B 207 -11.79 -4.96 -8.72
N GLU B 208 -12.47 -5.14 -7.60
CA GLU B 208 -11.72 -5.45 -6.40
C GLU B 208 -11.21 -6.91 -6.41
N SER B 209 -10.24 -7.14 -5.51
CA SER B 209 -9.47 -8.38 -5.53
C SER B 209 -10.33 -9.62 -5.32
N ASP B 210 -11.47 -9.48 -4.66
CA ASP B 210 -12.41 -10.58 -4.48
C ASP B 210 -13.70 -10.37 -5.29
N ARG B 211 -13.66 -9.55 -6.34
CA ARG B 211 -14.82 -9.19 -7.14
C ARG B 211 -15.91 -8.48 -6.33
N GLY B 212 -15.58 -7.94 -5.17
CA GLY B 212 -16.56 -7.30 -4.31
C GLY B 212 -16.61 -5.79 -4.49
N THR B 213 -16.49 -5.05 -3.39
CA THR B 213 -16.65 -3.60 -3.41
C THR B 213 -15.30 -2.93 -3.61
N PRO B 214 -15.07 -2.23 -4.70
CA PRO B 214 -13.77 -1.55 -4.85
C PRO B 214 -13.50 -0.64 -3.67
N GLY B 215 -12.23 -0.66 -3.23
CA GLY B 215 -11.74 0.06 -2.08
C GLY B 215 -11.60 -0.79 -0.83
N TYR B 216 -12.22 -1.96 -0.82
CA TYR B 216 -12.32 -2.79 0.39
C TYR B 216 -11.83 -4.19 0.09
N GLY B 217 -10.65 -4.23 -0.51
CA GLY B 217 -9.98 -5.49 -0.85
C GLY B 217 -8.49 -5.32 -0.76
N THR B 218 -7.76 -5.90 -1.72
CA THR B 218 -6.31 -5.86 -1.67
C THR B 218 -5.72 -5.21 -2.90
N CYS B 219 -6.52 -4.75 -3.86
CA CYS B 219 -5.92 -4.07 -5.02
C CYS B 219 -5.25 -2.78 -4.56
N GLY B 220 -4.09 -2.46 -5.18
CA GLY B 220 -3.33 -1.24 -4.91
C GLY B 220 -3.82 -0.10 -5.79
N TRP B 221 -4.94 0.48 -5.36
CA TRP B 221 -5.64 1.49 -6.15
C TRP B 221 -4.78 2.72 -6.41
N ASP B 222 -4.03 3.19 -5.42
CA ASP B 222 -3.22 4.38 -5.68
C ASP B 222 -2.21 4.09 -6.77
N GLU B 223 -1.53 2.94 -6.68
CA GLU B 223 -0.60 2.58 -7.74
C GLU B 223 -1.31 2.49 -9.07
N ILE B 224 -2.51 1.93 -9.08
CA ILE B 224 -3.21 1.75 -10.34
C ILE B 224 -3.56 3.10 -10.96
N PHE B 225 -4.21 3.95 -10.18
CA PHE B 225 -4.62 5.25 -10.71
C PHE B 225 -3.43 6.14 -11.03
N SER B 226 -2.42 6.15 -10.17
CA SER B 226 -1.23 6.94 -10.49
C SER B 226 -0.62 6.51 -11.82
N THR B 227 -0.55 5.18 -12.07
CA THR B 227 0.10 4.72 -13.30
C THR B 227 -0.74 5.02 -14.54
N LEU B 228 -2.07 4.89 -14.42
CA LEU B 228 -2.95 5.32 -15.51
C LEU B 228 -2.78 6.79 -15.82
N ALA B 229 -2.85 7.65 -14.80
CA ALA B 229 -2.54 9.08 -15.04
C ALA B 229 -1.18 9.23 -15.75
N ALA B 230 -0.20 8.47 -15.32
CA ALA B 230 1.16 8.72 -15.80
C ALA B 230 1.34 8.32 -17.24
N ILE B 231 0.56 7.33 -17.75
CA ILE B 231 0.70 6.94 -19.15
C ILE B 231 -0.19 7.76 -20.05
N GLY B 232 -1.01 8.62 -19.48
CA GLY B 232 -1.92 9.42 -20.29
C GLY B 232 -3.14 8.62 -20.69
N PHE B 233 -3.67 7.81 -19.78
CA PHE B 233 -4.77 6.92 -20.14
C PHE B 233 -6.03 7.72 -20.42
N LYS B 234 -6.57 7.66 -21.64
CA LYS B 234 -7.85 8.33 -21.88
C LYS B 234 -8.95 7.38 -22.38
N GLY B 235 -8.84 6.09 -22.12
CA GLY B 235 -9.87 5.13 -22.42
C GLY B 235 -10.95 4.95 -21.35
N GLY B 236 -11.60 3.79 -21.38
CA GLY B 236 -12.72 3.53 -20.51
C GLY B 236 -12.37 2.96 -19.16
N LEU B 237 -12.97 3.52 -18.09
CA LEU B 237 -12.82 3.07 -16.71
C LEU B 237 -14.14 2.43 -16.27
N ALA B 238 -14.19 1.10 -16.29
CA ALA B 238 -15.42 0.32 -16.15
C ALA B 238 -15.41 -0.42 -14.82
N MET B 239 -16.38 -0.16 -13.98
CA MET B 239 -16.48 -0.90 -12.75
C MET B 239 -17.11 -2.25 -13.00
N GLU B 240 -16.54 -3.31 -12.41
CA GLU B 240 -17.00 -4.68 -12.55
C GLU B 240 -17.06 -5.30 -11.15
N SER B 241 -18.24 -5.78 -10.77
CA SER B 241 -18.45 -6.57 -9.57
C SER B 241 -19.41 -7.69 -9.91
N PHE B 242 -19.19 -8.88 -9.34
CA PHE B 242 -20.05 -10.01 -9.63
C PHE B 242 -21.30 -10.04 -8.76
N ILE B 243 -21.53 -8.98 -7.97
CA ILE B 243 -22.70 -8.92 -7.09
C ILE B 243 -23.98 -9.06 -7.89
N ASN B 244 -24.91 -9.86 -7.34
CA ASN B 244 -26.23 -10.14 -7.93
C ASN B 244 -26.13 -10.59 -9.40
N MET B 245 -24.99 -11.19 -9.72
CA MET B 245 -24.88 -11.98 -10.95
C MET B 245 -25.68 -13.28 -10.80
N PRO B 246 -26.41 -13.70 -11.84
CA PRO B 246 -27.25 -14.91 -11.72
C PRO B 246 -26.40 -16.13 -11.40
N PRO B 247 -26.87 -17.01 -10.50
CA PRO B 247 -25.98 -18.04 -9.94
C PRO B 247 -25.23 -18.91 -10.96
N GLU B 248 -25.87 -19.32 -12.07
CA GLU B 248 -25.20 -20.22 -13.02
C GLU B 248 -24.09 -19.55 -13.83
N VAL B 249 -24.06 -18.21 -13.89
CA VAL B 249 -22.95 -17.50 -14.50
C VAL B 249 -21.87 -17.11 -13.47
N ALA B 250 -22.23 -17.03 -12.18
CA ALA B 250 -21.26 -16.80 -11.12
C ALA B 250 -20.48 -18.08 -10.78
N TYR B 251 -21.17 -19.20 -10.62
CA TYR B 251 -20.50 -20.47 -10.38
C TYR B 251 -19.44 -20.76 -11.46
N GLY B 252 -19.68 -20.35 -12.69
CA GLY B 252 -18.74 -20.57 -13.78
C GLY B 252 -17.40 -19.86 -13.66
N LEU B 253 -17.32 -18.77 -12.88
CA LEU B 253 -16.06 -18.04 -12.66
C LEU B 253 -15.57 -18.13 -11.21
N ALA B 254 -16.09 -19.08 -10.45
CA ALA B 254 -15.55 -19.56 -9.19
C ALA B 254 -16.03 -18.65 -8.06
N VAL B 255 -17.26 -18.17 -8.19
CA VAL B 255 -17.95 -17.42 -7.16
C VAL B 255 -18.75 -18.44 -6.35
N TRP B 256 -18.14 -18.93 -5.27
CA TRP B 256 -18.72 -19.95 -4.43
C TRP B 256 -19.47 -19.36 -3.25
N ARG B 257 -19.41 -18.04 -3.07
CA ARG B 257 -19.96 -17.33 -1.93
C ARG B 257 -20.15 -15.87 -2.34
N PRO B 258 -20.98 -15.13 -1.61
CA PRO B 258 -21.30 -13.77 -2.08
C PRO B 258 -20.06 -12.89 -2.05
N VAL B 259 -19.90 -12.09 -3.11
CA VAL B 259 -18.74 -11.20 -3.21
C VAL B 259 -18.93 -9.93 -2.38
N ALA B 260 -20.18 -9.57 -2.06
CA ALA B 260 -20.48 -8.41 -1.24
C ALA B 260 -21.94 -8.54 -0.78
N LYS B 261 -22.35 -7.72 0.18
CA LYS B 261 -23.67 -7.89 0.77
C LYS B 261 -24.78 -7.70 -0.27
N ASP B 262 -24.78 -6.58 -0.97
CA ASP B 262 -25.81 -6.31 -1.97
C ASP B 262 -25.28 -5.24 -2.94
N GLU B 263 -26.08 -4.95 -3.96
CA GLU B 263 -25.67 -3.89 -4.87
C GLU B 263 -25.51 -2.57 -4.12
N GLU B 264 -26.30 -2.35 -3.08
CA GLU B 264 -26.27 -1.08 -2.39
C GLU B 264 -24.96 -0.87 -1.61
N GLU B 265 -24.29 -1.94 -1.18
CA GLU B 265 -22.96 -1.76 -0.62
C GLU B 265 -21.94 -1.52 -1.74
N VAL B 266 -22.02 -2.29 -2.82
CA VAL B 266 -21.01 -2.23 -3.86
C VAL B 266 -21.05 -0.89 -4.59
N MET B 267 -22.24 -0.48 -5.02
CA MET B 267 -22.31 0.73 -5.81
C MET B 267 -22.29 1.97 -4.93
N GLY B 268 -22.78 1.85 -3.69
CA GLY B 268 -22.84 2.99 -2.82
C GLY B 268 -21.49 3.36 -2.25
N ASN B 269 -20.61 2.37 -2.06
CA ASN B 269 -19.26 2.58 -1.57
C ASN B 269 -18.23 2.60 -2.69
N GLY B 270 -18.35 1.69 -3.64
CA GLY B 270 -17.29 1.44 -4.58
C GLY B 270 -17.25 2.45 -5.69
N LEU B 271 -18.41 2.86 -6.20
CA LEU B 271 -18.37 3.85 -7.28
C LEU B 271 -17.86 5.20 -6.77
N PRO B 272 -18.36 5.76 -5.67
CA PRO B 272 -17.74 7.02 -5.17
C PRO B 272 -16.25 6.87 -4.95
N PHE B 273 -15.82 5.75 -4.39
CA PHE B 273 -14.38 5.54 -4.19
C PHE B 273 -13.64 5.61 -5.52
N LEU B 274 -14.09 4.87 -6.53
CA LEU B 274 -13.33 4.86 -7.78
C LEU B 274 -13.34 6.22 -8.44
N ARG B 275 -14.46 6.93 -8.37
CA ARG B 275 -14.51 8.22 -9.06
C ARG B 275 -13.67 9.25 -8.34
N ASN B 276 -13.67 9.21 -7.01
CA ASN B 276 -12.81 10.09 -6.24
C ASN B 276 -11.34 9.84 -6.57
N LYS B 277 -10.93 8.57 -6.65
CA LYS B 277 -9.55 8.28 -7.01
C LYS B 277 -9.25 8.76 -8.40
N ALA B 278 -10.22 8.62 -9.31
CA ALA B 278 -9.99 9.09 -10.67
C ALA B 278 -9.79 10.59 -10.67
N LYS B 279 -10.58 11.29 -9.85
CA LYS B 279 -10.40 12.74 -9.72
C LYS B 279 -9.05 13.05 -9.04
N GLN B 280 -8.74 12.34 -7.95
CA GLN B 280 -7.52 12.61 -7.19
C GLN B 280 -6.31 12.58 -8.10
N TYR B 281 -6.27 11.65 -9.06
CA TYR B 281 -5.09 11.47 -9.89
C TYR B 281 -5.26 12.13 -11.25
N GLY B 282 -6.32 12.92 -11.43
CA GLY B 282 -6.41 13.76 -12.60
C GLY B 282 -6.84 13.07 -13.87
N LEU B 283 -7.45 11.89 -13.78
CA LEU B 283 -8.01 11.25 -14.96
C LEU B 283 -9.40 11.82 -15.28
N ILE B 284 -10.18 12.07 -14.21
CA ILE B 284 -11.61 12.40 -14.18
C ILE B 284 -12.38 11.83 -15.34
N THR C 2 -13.25 6.99 28.90
CA THR C 2 -12.79 6.77 27.54
C THR C 2 -13.94 6.86 26.52
N MET C 3 -13.64 7.40 25.34
CA MET C 3 -14.62 7.63 24.28
C MET C 3 -14.86 6.35 23.46
N GLN C 4 -15.97 6.35 22.72
CA GLN C 4 -16.34 5.24 21.83
C GLN C 4 -16.96 5.81 20.56
N GLY C 5 -16.84 5.07 19.46
CA GLY C 5 -17.45 5.51 18.21
C GLY C 5 -16.57 6.48 17.45
N PHE C 6 -17.21 7.24 16.55
CA PHE C 6 -16.57 8.19 15.67
C PHE C 6 -16.79 9.64 16.13
N GLY C 7 -15.75 10.46 15.99
CA GLY C 7 -15.82 11.86 16.33
C GLY C 7 -15.03 12.73 15.38
N VAL C 8 -15.16 14.04 15.59
CA VAL C 8 -14.49 15.01 14.74
C VAL C 8 -13.86 16.11 15.60
N HIS C 9 -12.64 16.46 15.26
CA HIS C 9 -12.01 17.65 15.83
C HIS C 9 -12.64 18.90 15.24
N THR C 10 -13.05 19.84 16.10
CA THR C 10 -13.97 20.88 15.62
C THR C 10 -13.30 21.91 14.73
N SER C 11 -11.99 21.85 14.54
CA SER C 11 -11.36 22.66 13.51
C SER C 11 -11.90 22.34 12.13
N MET C 12 -12.60 21.22 11.97
CA MET C 12 -13.35 20.93 10.76
C MET C 12 -14.34 22.04 10.41
N TRP C 13 -14.85 22.75 11.43
CA TRP C 13 -15.98 23.66 11.27
C TRP C 13 -15.76 25.07 11.86
N THR C 14 -14.78 25.28 12.73
CA THR C 14 -14.56 26.59 13.30
C THR C 14 -13.11 26.75 13.73
N MET C 15 -12.61 27.99 13.64
CA MET C 15 -11.26 28.31 14.11
C MET C 15 -11.17 28.35 15.62
N ASN C 16 -12.15 29.02 16.25
CA ASN C 16 -12.13 29.28 17.67
C ASN C 16 -13.35 28.65 18.32
N TRP C 17 -13.15 28.09 19.52
CA TRP C 17 -14.25 27.65 20.36
C TRP C 17 -14.81 28.82 21.18
N ASP C 18 -15.26 29.84 20.47
CA ASP C 18 -16.11 30.87 21.05
C ASP C 18 -17.56 30.41 20.90
N ARG C 19 -18.50 31.26 21.32
CA ARG C 19 -19.91 30.86 21.32
C ARG C 19 -20.45 30.59 19.91
N PRO C 20 -20.27 31.48 18.93
CA PRO C 20 -20.80 31.14 17.60
C PRO C 20 -20.05 29.98 16.94
N GLY C 21 -18.76 29.79 17.25
CA GLY C 21 -18.07 28.61 16.76
C GLY C 21 -18.68 27.34 17.30
N ALA C 22 -18.90 27.30 18.62
CA ALA C 22 -19.53 26.16 19.26
C ALA C 22 -20.89 25.84 18.64
N GLU C 23 -21.71 26.86 18.39
CA GLU C 23 -23.00 26.62 17.73
C GLU C 23 -22.83 26.03 16.33
N ARG C 24 -21.87 26.58 15.58
CA ARG C 24 -21.66 26.10 14.21
C ARG C 24 -21.14 24.67 14.23
N ALA C 25 -20.16 24.40 15.10
CA ALA C 25 -19.58 23.06 15.14
C ALA C 25 -20.60 22.02 15.58
N VAL C 26 -21.39 22.33 16.61
CA VAL C 26 -22.27 21.30 17.13
C VAL C 26 -23.39 21.00 16.13
N ALA C 27 -23.85 22.04 15.44
CA ALA C 27 -24.85 21.84 14.38
C ALA C 27 -24.28 21.03 13.23
N ALA C 28 -23.07 21.35 12.78
CA ALA C 28 -22.47 20.53 11.72
C ALA C 28 -22.33 19.08 12.19
N ALA C 29 -21.82 18.87 13.41
CA ALA C 29 -21.66 17.49 13.87
C ALA C 29 -22.96 16.71 13.75
N LEU C 30 -24.08 17.38 13.99
CA LEU C 30 -25.33 16.64 14.03
C LEU C 30 -25.71 16.11 12.65
N LYS C 31 -25.48 16.90 11.59
CA LYS C 31 -25.78 16.40 10.25
C LYS C 31 -25.01 15.11 9.93
N TYR C 32 -23.82 14.91 10.52
CA TYR C 32 -23.02 13.73 10.18
C TYR C 32 -23.21 12.60 11.16
N GLU C 33 -23.97 12.83 12.23
CA GLU C 33 -24.38 11.76 13.16
C GLU C 33 -23.19 11.10 13.81
N VAL C 34 -22.21 11.91 14.21
CA VAL C 34 -21.03 11.39 14.86
C VAL C 34 -21.37 11.29 16.33
N ASP C 35 -20.57 10.56 17.07
CA ASP C 35 -20.83 10.36 18.48
C ASP C 35 -20.23 11.45 19.37
N PHE C 36 -19.11 12.06 18.99
CA PHE C 36 -18.52 13.03 19.88
C PHE C 36 -17.76 14.07 19.08
N ILE C 37 -17.35 15.15 19.77
CA ILE C 37 -16.49 16.14 19.16
C ILE C 37 -15.30 16.39 20.07
N GLU C 38 -14.21 16.80 19.45
CA GLU C 38 -12.99 17.18 20.14
C GLU C 38 -12.85 18.70 20.06
N ILE C 39 -12.90 19.34 21.22
CA ILE C 39 -12.94 20.80 21.35
C ILE C 39 -11.54 21.28 21.74
N PRO C 40 -10.89 22.11 20.95
CA PRO C 40 -9.62 22.70 21.38
C PRO C 40 -9.83 23.57 22.61
N MET C 41 -8.86 23.56 23.48
CA MET C 41 -8.93 24.25 24.76
C MET C 41 -7.68 25.11 24.88
N LEU C 42 -7.56 26.03 23.93
CA LEU C 42 -6.35 26.82 23.75
C LEU C 42 -6.38 28.19 24.47
N ASN C 43 -7.56 28.68 24.82
CA ASN C 43 -7.71 29.87 25.65
C ASN C 43 -8.75 29.49 26.70
N PRO C 44 -8.34 28.74 27.73
CA PRO C 44 -9.33 28.18 28.68
C PRO C 44 -10.22 29.25 29.30
N PRO C 45 -9.68 30.39 29.75
CA PRO C 45 -10.55 31.43 30.32
C PRO C 45 -11.64 31.94 29.37
N ALA C 46 -11.44 31.83 28.06
CA ALA C 46 -12.41 32.31 27.10
C ALA C 46 -13.52 31.33 26.77
N VAL C 47 -13.46 30.06 27.22
CA VAL C 47 -14.50 29.09 26.87
C VAL C 47 -15.71 29.35 27.75
N ASP C 48 -16.87 29.52 27.14
CA ASP C 48 -18.16 29.52 27.85
C ASP C 48 -18.60 28.08 28.05
N THR C 49 -18.31 27.54 29.24
CA THR C 49 -18.54 26.12 29.50
C THR C 49 -20.03 25.83 29.63
N GLU C 50 -20.79 26.75 30.22
CA GLU C 50 -22.21 26.50 30.39
C GLU C 50 -22.91 26.43 29.03
N HIS C 51 -22.52 27.29 28.11
CA HIS C 51 -23.15 27.26 26.79
C HIS C 51 -22.75 26.00 26.01
N THR C 52 -21.48 25.59 26.10
CA THR C 52 -21.05 24.38 25.41
C THR C 52 -21.76 23.14 25.98
N ARG C 53 -21.76 23.01 27.31
CA ARG C 53 -22.39 21.88 27.98
C ARG C 53 -23.84 21.71 27.54
N ALA C 54 -24.61 22.80 27.59
CA ALA C 54 -26.01 22.73 27.16
C ALA C 54 -26.11 22.29 25.71
N LEU C 55 -25.21 22.80 24.85
CA LEU C 55 -25.29 22.36 23.47
C LEU C 55 -25.02 20.84 23.37
N LEU C 56 -23.98 20.37 24.05
CA LEU C 56 -23.64 18.95 24.00
C LEU C 56 -24.80 18.09 24.48
N GLU C 57 -25.40 18.44 25.62
CA GLU C 57 -26.44 17.56 26.19
C GLU C 57 -27.71 17.64 25.36
N LYS C 58 -28.08 18.85 24.91
CA LYS C 58 -29.24 18.97 24.04
C LYS C 58 -29.14 18.02 22.86
N ASN C 59 -27.99 17.99 22.21
CA ASN C 59 -27.81 17.29 20.96
C ASN C 59 -27.20 15.91 21.16
N GLU C 60 -27.14 15.42 22.41
CA GLU C 60 -26.66 14.08 22.76
C GLU C 60 -25.28 13.79 22.13
N LEU C 61 -24.38 14.77 22.26
CA LEU C 61 -23.00 14.65 21.83
C LEU C 61 -22.08 14.58 23.03
N ARG C 62 -21.13 13.64 23.01
CA ARG C 62 -20.07 13.59 24.00
C ARG C 62 -18.91 14.43 23.50
N ALA C 63 -17.96 14.68 24.38
CA ALA C 63 -16.88 15.56 23.99
C ALA C 63 -15.67 15.27 24.85
N LEU C 64 -14.52 15.58 24.28
CA LEU C 64 -13.29 15.80 25.02
C LEU C 64 -12.62 17.06 24.48
N CYS C 65 -11.54 17.42 25.12
CA CYS C 65 -10.76 18.58 24.72
C CYS C 65 -9.31 18.16 24.50
N SER C 66 -8.65 18.92 23.66
CA SER C 66 -7.20 18.83 23.50
C SER C 66 -6.61 20.23 23.49
N LEU C 67 -5.28 20.31 23.65
CA LEU C 67 -4.57 21.57 23.53
C LEU C 67 -3.09 21.27 23.25
N GLY C 68 -2.35 22.34 22.95
CA GLY C 68 -0.91 22.36 23.10
C GLY C 68 -0.60 23.51 24.05
N LEU C 69 0.50 23.38 24.74
CA LEU C 69 0.77 24.40 25.76
C LEU C 69 1.43 25.61 25.11
N PRO C 70 1.06 26.83 25.54
CA PRO C 70 1.79 28.02 25.09
C PRO C 70 3.20 28.10 25.69
N GLU C 71 4.06 28.86 25.00
CA GLU C 71 5.49 28.80 25.34
C GLU C 71 5.76 29.25 26.78
N ARG C 72 4.99 30.23 27.26
CA ARG C 72 5.08 30.63 28.66
C ARG C 72 4.83 29.47 29.61
N ALA C 73 4.21 28.36 29.16
CA ALA C 73 3.83 27.30 30.09
C ALA C 73 4.28 25.91 29.64
N TRP C 74 5.35 25.86 28.82
CA TRP C 74 5.90 24.58 28.37
C TRP C 74 6.45 23.77 29.55
N ALA C 75 5.92 22.56 29.73
CA ALA C 75 6.32 21.74 30.87
C ALA C 75 7.80 21.41 30.83
N SER C 76 8.40 21.36 29.65
CA SER C 76 9.82 21.06 29.51
C SER C 76 10.66 21.99 30.38
N VAL C 77 10.24 23.24 30.51
CA VAL C 77 11.10 24.33 30.90
C VAL C 77 10.48 25.10 32.07
N ARG C 78 9.15 25.25 32.07
CA ARG C 78 8.44 26.04 33.08
C ARG C 78 7.35 25.18 33.70
N PRO C 79 7.75 24.17 34.48
CA PRO C 79 6.76 23.21 35.01
C PRO C 79 5.70 23.84 35.90
N ASP C 80 6.06 24.82 36.72
CA ASP C 80 5.07 25.43 37.60
C ASP C 80 3.98 26.15 36.81
N ALA C 81 4.37 26.91 35.79
CA ALA C 81 3.40 27.50 34.87
C ALA C 81 2.61 26.41 34.12
N ALA C 82 3.29 25.35 33.69
CA ALA C 82 2.58 24.26 33.01
C ALA C 82 1.50 23.68 33.91
N ILE C 83 1.84 23.36 35.15
CA ILE C 83 0.84 22.79 36.06
C ILE C 83 -0.35 23.73 36.17
N GLU C 84 -0.08 25.04 36.40
CA GLU C 84 -1.16 26.01 36.60
C GLU C 84 -2.01 26.15 35.35
N HIS C 85 -1.38 26.18 34.16
CA HIS C 85 -2.18 26.18 32.93
C HIS C 85 -3.02 24.90 32.79
N LEU C 86 -2.45 23.75 33.15
CA LEU C 86 -3.20 22.51 32.96
C LEU C 86 -4.35 22.42 33.95
N LYS C 87 -4.16 22.95 35.17
CA LYS C 87 -5.24 22.89 36.15
C LYS C 87 -6.44 23.70 35.65
N VAL C 88 -6.16 24.80 34.96
CA VAL C 88 -7.30 25.58 34.49
C VAL C 88 -7.94 24.91 33.28
N ALA C 89 -7.11 24.38 32.38
CA ALA C 89 -7.67 23.66 31.22
C ALA C 89 -8.50 22.45 31.66
N ILE C 90 -8.01 21.72 32.66
CA ILE C 90 -8.73 20.57 33.16
C ILE C 90 -10.07 21.00 33.73
N ASP C 91 -10.09 22.06 34.51
CA ASP C 91 -11.36 22.49 35.09
C ASP C 91 -12.33 22.90 34.01
N LYS C 92 -11.88 23.65 33.01
CA LYS C 92 -12.82 24.05 31.97
C LYS C 92 -13.30 22.82 31.19
N THR C 93 -12.42 21.86 30.91
CA THR C 93 -12.87 20.63 30.23
C THR C 93 -13.96 19.95 31.06
N ALA C 94 -13.72 19.77 32.35
CA ALA C 94 -14.75 19.11 33.17
C ALA C 94 -16.04 19.91 33.19
N ASP C 95 -15.94 21.24 33.40
CA ASP C 95 -17.16 22.04 33.52
C ASP C 95 -18.03 21.92 32.27
N LEU C 96 -17.44 21.80 31.09
CA LEU C 96 -18.26 21.77 29.88
C LEU C 96 -18.78 20.36 29.56
N GLY C 97 -18.48 19.36 30.37
CA GLY C 97 -18.90 17.99 30.09
C GLY C 97 -17.88 17.12 29.38
N GLY C 98 -16.66 17.59 29.19
CA GLY C 98 -15.68 16.80 28.50
C GLY C 98 -15.17 15.68 29.38
N GLU C 99 -14.77 14.59 28.73
CA GLU C 99 -14.37 13.40 29.48
C GLU C 99 -12.88 13.22 29.53
N ALA C 100 -12.13 13.91 28.67
CA ALA C 100 -10.69 13.92 28.80
C ALA C 100 -10.11 15.23 28.31
N LEU C 101 -8.89 15.49 28.74
CA LEU C 101 -8.05 16.51 28.14
C LEU C 101 -6.85 15.81 27.53
N SER C 102 -6.63 16.02 26.22
CA SER C 102 -5.65 15.25 25.47
C SER C 102 -4.87 16.14 24.53
N GLY C 103 -3.92 15.55 23.80
CA GLY C 103 -3.09 16.34 22.92
C GLY C 103 -1.65 16.51 23.38
N VAL C 104 -1.08 17.66 23.05
CA VAL C 104 0.29 18.00 23.43
C VAL C 104 0.16 18.69 24.76
N ILE C 105 -0.28 17.93 25.77
CA ILE C 105 -0.46 18.52 27.09
C ILE C 105 0.86 18.67 27.83
N TYR C 106 1.96 18.25 27.22
CA TYR C 106 3.27 18.12 27.83
C TYR C 106 4.24 19.14 27.27
N GLY C 107 3.79 19.97 26.35
CA GLY C 107 4.70 20.86 25.67
C GLY C 107 3.95 21.61 24.60
N GLY C 108 4.71 22.15 23.68
CA GLY C 108 4.20 23.03 22.67
C GLY C 108 4.11 22.41 21.28
N ILE C 109 3.09 22.84 20.56
CA ILE C 109 2.97 22.60 19.14
C ILE C 109 3.90 23.60 18.47
N GLY C 110 5.06 23.12 18.02
CA GLY C 110 6.12 23.98 17.58
C GLY C 110 7.27 24.17 18.54
N GLU C 111 7.31 23.40 19.63
CA GLU C 111 8.45 23.40 20.54
C GLU C 111 9.63 22.60 19.95
N ARG C 112 10.82 23.22 20.01
CA ARG C 112 12.09 22.68 19.57
C ARG C 112 13.15 23.42 20.37
N THR C 113 14.11 22.70 20.97
CA THR C 113 15.29 23.36 21.52
C THR C 113 16.40 23.47 20.49
N GLY C 114 16.32 22.67 19.46
CA GLY C 114 17.38 22.53 18.50
C GLY C 114 18.28 21.36 18.80
N VAL C 115 18.17 20.78 20.00
CA VAL C 115 18.93 19.59 20.37
C VAL C 115 17.97 18.48 20.78
N PRO C 116 18.46 17.25 20.96
CA PRO C 116 17.57 16.16 21.35
C PRO C 116 17.05 16.35 22.77
N PRO C 117 15.94 15.71 23.10
CA PRO C 117 15.40 15.87 24.45
C PRO C 117 16.35 15.32 25.50
N THR C 118 16.30 15.93 26.67
CA THR C 118 17.17 15.59 27.78
C THR C 118 16.35 15.05 28.93
N GLU C 119 17.04 14.36 29.84
CA GLU C 119 16.39 13.89 31.06
C GLU C 119 15.81 15.05 31.88
N ALA C 120 16.54 16.16 32.00
CA ALA C 120 15.97 17.26 32.79
C ALA C 120 14.61 17.69 32.22
N GLU C 121 14.53 17.83 30.90
CA GLU C 121 13.23 18.09 30.27
C GLU C 121 12.16 17.06 30.66
N TYR C 122 12.48 15.75 30.55
CA TYR C 122 11.46 14.73 30.81
C TYR C 122 11.13 14.66 32.30
N ASP C 123 12.12 14.86 33.15
CA ASP C 123 11.86 14.92 34.58
C ASP C 123 10.85 16.02 34.89
N ASN C 124 11.00 17.18 34.25
CA ASN C 124 10.02 18.25 34.46
C ASN C 124 8.65 17.88 33.91
N ILE C 125 8.60 17.27 32.71
CA ILE C 125 7.30 16.86 32.16
C ILE C 125 6.62 15.88 33.11
N ALA C 126 7.35 14.90 33.60
CA ALA C 126 6.78 13.90 34.51
C ALA C 126 6.20 14.55 35.77
N ARG C 127 6.95 15.48 36.37
CA ARG C 127 6.43 16.21 37.54
C ARG C 127 5.13 16.92 37.18
N VAL C 128 5.11 17.64 36.06
CA VAL C 128 3.91 18.35 35.62
C VAL C 128 2.75 17.38 35.40
N LEU C 129 2.98 16.29 34.65
CA LEU C 129 1.85 15.39 34.35
C LEU C 129 1.33 14.68 35.59
N SER C 130 2.20 14.30 36.51
CA SER C 130 1.70 13.71 37.75
C SER C 130 0.77 14.67 38.48
N ALA C 131 1.18 15.95 38.65
CA ALA C 131 0.30 16.93 39.27
C ALA C 131 -0.97 17.11 38.44
N ALA C 132 -0.84 17.17 37.12
CA ALA C 132 -2.03 17.30 36.29
C ALA C 132 -2.95 16.09 36.44
N ALA C 133 -2.39 14.88 36.44
CA ALA C 133 -3.24 13.69 36.53
C ALA C 133 -4.02 13.66 37.83
N LYS C 134 -3.36 14.04 38.93
CA LYS C 134 -4.06 14.19 40.20
C LYS C 134 -5.21 15.17 40.07
N HIS C 135 -4.97 16.32 39.44
CA HIS C 135 -6.07 17.28 39.39
C HIS C 135 -7.15 16.78 38.44
N ALA C 136 -6.74 16.10 37.36
CA ALA C 136 -7.72 15.46 36.48
C ALA C 136 -8.56 14.42 37.23
N LYS C 137 -7.93 13.60 38.07
CA LYS C 137 -8.71 12.61 38.82
C LYS C 137 -9.72 13.31 39.73
N SER C 138 -9.33 14.43 40.34
CA SER C 138 -10.25 15.11 41.24
C SER C 138 -11.48 15.63 40.50
N ARG C 139 -11.38 15.90 39.21
CA ARG C 139 -12.55 16.35 38.46
C ARG C 139 -13.23 15.23 37.67
N GLY C 140 -12.70 14.01 37.74
CA GLY C 140 -13.36 12.89 37.10
C GLY C 140 -13.11 12.73 35.61
N ILE C 141 -12.01 13.23 35.09
CA ILE C 141 -11.67 13.10 33.68
C ILE C 141 -10.29 12.44 33.58
N GLU C 142 -9.94 12.07 32.35
CA GLU C 142 -8.64 11.50 32.06
C GLU C 142 -7.84 12.47 31.22
N LEU C 143 -6.52 12.22 31.20
CA LEU C 143 -5.56 12.91 30.37
C LEU C 143 -5.01 12.01 29.27
N GLY C 144 -4.84 12.56 28.07
CA GLY C 144 -4.15 11.87 26.98
C GLY C 144 -2.83 12.56 26.64
N VAL C 145 -1.82 11.76 26.31
CA VAL C 145 -0.54 12.19 25.76
C VAL C 145 -0.52 11.81 24.29
N GLU C 146 -0.47 12.80 23.41
CA GLU C 146 -0.45 12.60 21.97
C GLU C 146 0.96 12.69 21.46
N ALA C 147 1.45 11.62 20.85
CA ALA C 147 2.72 11.67 20.16
C ALA C 147 2.54 12.47 18.86
N VAL C 148 3.40 13.49 18.67
CA VAL C 148 3.33 14.30 17.44
C VAL C 148 4.69 14.23 16.76
N ASN C 149 4.74 14.64 15.49
CA ASN C 149 5.98 14.42 14.75
C ASN C 149 7.11 15.39 15.22
N ARG C 150 8.34 15.05 14.77
CA ARG C 150 9.55 15.78 15.16
C ARG C 150 9.51 17.29 14.96
N TYR C 151 8.75 17.78 13.97
CA TYR C 151 8.77 19.19 13.70
C TYR C 151 7.85 19.95 14.62
N GLU C 152 6.90 19.27 15.23
CA GLU C 152 5.96 19.94 16.10
C GLU C 152 6.42 19.90 17.56
N ASN C 153 7.23 18.92 17.93
CA ASN C 153 7.70 18.79 19.29
C ASN C 153 8.86 17.81 19.28
N HIS C 154 9.83 18.05 20.14
CA HIS C 154 11.06 17.25 20.10
C HIS C 154 11.07 16.20 21.19
N LEU C 155 10.05 16.14 22.04
CA LEU C 155 10.03 15.30 23.23
C LEU C 155 9.28 13.97 23.06
N ILE C 156 8.10 13.95 22.44
CA ILE C 156 7.30 12.72 22.35
C ILE C 156 6.78 12.57 20.92
N ASN C 157 7.42 11.70 20.14
CA ASN C 157 7.16 11.56 18.72
C ASN C 157 6.64 10.19 18.29
N THR C 158 6.81 9.16 19.09
CA THR C 158 6.44 7.80 18.73
C THR C 158 5.53 7.25 19.81
N GLY C 159 4.77 6.21 19.46
CA GLY C 159 4.00 5.52 20.48
C GLY C 159 4.84 5.00 21.63
N TRP C 160 6.02 4.43 21.33
CA TRP C 160 6.87 3.91 22.40
C TRP C 160 7.30 5.04 23.35
N GLN C 161 7.71 6.20 22.81
CA GLN C 161 8.04 7.34 23.69
C GLN C 161 6.82 7.74 24.51
N ALA C 162 5.63 7.80 23.90
CA ALA C 162 4.46 8.15 24.67
C ALA C 162 4.29 7.18 25.83
N VAL C 163 4.44 5.87 25.57
CA VAL C 163 4.25 4.86 26.61
C VAL C 163 5.28 5.03 27.72
N GLN C 164 6.54 5.19 27.33
CA GLN C 164 7.60 5.47 28.30
C GLN C 164 7.25 6.62 29.24
N MET C 165 6.72 7.74 28.72
CA MET C 165 6.30 8.83 29.61
C MET C 165 5.15 8.38 30.52
N ILE C 166 4.15 7.66 29.95
CA ILE C 166 3.03 7.24 30.80
C ILE C 166 3.56 6.38 31.96
N GLU C 167 4.53 5.50 31.69
CA GLU C 167 5.03 4.61 32.74
C GLU C 167 6.01 5.35 33.66
N ARG C 168 6.74 6.34 33.14
CA ARG C 168 7.53 7.21 34.00
C ARG C 168 6.68 7.98 35.00
N VAL C 169 5.42 8.26 34.67
CA VAL C 169 4.58 9.08 35.56
C VAL C 169 3.86 8.20 36.57
N GLY C 170 3.55 6.96 36.20
CA GLY C 170 2.92 6.03 37.11
C GLY C 170 1.52 6.39 37.54
N ALA C 171 0.88 7.33 36.84
CA ALA C 171 -0.52 7.62 37.13
C ALA C 171 -1.38 6.49 36.59
N ASP C 172 -2.67 6.53 36.91
CA ASP C 172 -3.60 5.52 36.44
C ASP C 172 -4.67 6.07 35.52
N ASN C 173 -4.55 7.36 35.13
CA ASN C 173 -5.61 8.02 34.38
C ASN C 173 -5.03 8.83 33.22
N ILE C 174 -3.88 8.40 32.71
CA ILE C 174 -3.24 8.97 31.52
C ILE C 174 -3.19 7.89 30.44
N PHE C 175 -3.74 8.19 29.28
CA PHE C 175 -3.72 7.28 28.15
C PHE C 175 -2.84 7.86 27.05
N VAL C 176 -2.57 7.02 26.04
CA VAL C 176 -1.82 7.42 24.86
C VAL C 176 -2.80 7.75 23.74
N HIS C 177 -2.45 8.74 22.94
CA HIS C 177 -3.29 9.28 21.88
C HIS C 177 -2.37 9.27 20.67
N LEU C 178 -2.76 8.55 19.62
CA LEU C 178 -1.91 8.51 18.44
C LEU C 178 -2.62 9.26 17.34
N ASP C 179 -1.88 9.56 16.28
CA ASP C 179 -2.39 10.33 15.14
C ASP C 179 -1.70 9.81 13.88
N THR C 180 -2.50 9.34 12.94
CA THR C 180 -1.93 8.68 11.77
C THR C 180 -1.11 9.65 10.94
N TYR C 181 -1.47 10.93 10.97
CA TYR C 181 -0.68 11.92 10.27
C TYR C 181 0.72 12.01 10.86
N HIS C 182 0.83 11.96 12.18
CA HIS C 182 2.16 11.97 12.77
C HIS C 182 2.86 10.61 12.64
N MET C 183 2.12 9.53 12.81
CA MET C 183 2.72 8.19 12.67
C MET C 183 3.25 7.97 11.27
N ASN C 184 2.55 8.49 10.27
CA ASN C 184 3.01 8.43 8.89
C ASN C 184 4.46 8.91 8.76
N ILE C 185 4.89 9.84 9.62
CA ILE C 185 6.26 10.35 9.58
C ILE C 185 7.15 9.63 10.57
N GLU C 186 6.64 9.31 11.77
CA GLU C 186 7.50 8.90 12.87
C GLU C 186 7.64 7.39 13.04
N GLU C 187 6.70 6.58 12.62
CA GLU C 187 6.70 5.18 13.00
C GLU C 187 7.32 4.35 11.89
N LYS C 188 8.06 3.34 12.30
CA LYS C 188 8.83 2.51 11.38
C LYS C 188 7.93 1.39 10.90
N GLY C 189 6.99 1.79 10.04
CA GLY C 189 5.80 1.00 9.78
C GLY C 189 4.69 1.46 10.71
N VAL C 190 3.62 1.99 10.13
CA VAL C 190 2.64 2.70 10.92
C VAL C 190 2.01 1.80 11.98
N GLY C 191 1.85 0.51 11.67
CA GLY C 191 1.33 -0.43 12.66
C GLY C 191 2.18 -0.54 13.90
N ASN C 192 3.47 -0.25 13.79
CA ASN C 192 4.33 -0.34 14.98
C ASN C 192 3.97 0.68 16.04
N GLY C 193 3.38 1.81 15.65
CA GLY C 193 2.99 2.79 16.66
C GLY C 193 1.85 2.28 17.48
N ILE C 194 0.89 1.63 16.82
CA ILE C 194 -0.25 1.05 17.50
C ILE C 194 0.19 -0.10 18.38
N LEU C 195 1.10 -0.94 17.87
CA LEU C 195 1.59 -2.09 18.61
C LEU C 195 2.28 -1.66 19.89
N ASP C 196 3.23 -0.71 19.78
CA ASP C 196 3.95 -0.23 20.95
C ASP C 196 3.02 0.42 21.98
N ALA C 197 1.97 1.10 21.52
CA ALA C 197 1.11 1.82 22.43
C ALA C 197 -0.03 0.99 22.95
N ARG C 198 -0.10 -0.28 22.58
CA ARG C 198 -1.36 -1.01 22.65
C ARG C 198 -1.98 -1.01 24.05
N GLU C 199 -1.18 -1.27 25.09
CA GLU C 199 -1.75 -1.38 26.44
C GLU C 199 -2.36 -0.09 26.96
N HIS C 200 -2.13 1.05 26.29
CA HIS C 200 -2.52 2.36 26.82
C HIS C 200 -3.28 3.18 25.80
N LEU C 201 -3.47 2.65 24.60
CA LEU C 201 -4.05 3.41 23.50
C LEU C 201 -5.55 3.51 23.65
N LYS C 202 -6.09 4.72 23.82
CA LYS C 202 -7.52 4.89 23.90
C LYS C 202 -8.11 5.91 22.96
N TYR C 203 -7.33 6.49 22.06
CA TYR C 203 -7.84 7.56 21.23
C TYR C 203 -6.91 7.64 20.03
N ILE C 204 -7.48 7.83 18.86
CA ILE C 204 -6.64 7.95 17.67
C ILE C 204 -7.25 8.95 16.72
N HIS C 205 -6.41 9.83 16.19
CA HIS C 205 -6.74 10.78 15.16
C HIS C 205 -6.56 10.08 13.84
N LEU C 206 -7.67 9.77 13.16
CA LEU C 206 -7.59 9.26 11.80
C LEU C 206 -7.49 10.45 10.86
N SER C 207 -6.26 10.95 10.70
CA SER C 207 -5.98 12.16 9.94
C SER C 207 -5.14 11.80 8.71
N GLU C 208 -5.49 12.36 7.56
CA GLU C 208 -4.72 12.00 6.38
C GLU C 208 -3.33 12.67 6.37
N SER C 209 -2.44 12.05 5.60
CA SER C 209 -1.02 12.42 5.60
C SER C 209 -0.78 13.92 5.34
N ASP C 210 -1.67 14.59 4.63
CA ASP C 210 -1.53 16.02 4.33
C ASP C 210 -2.57 16.86 5.06
N ARG C 211 -3.14 16.32 6.13
CA ARG C 211 -4.27 16.87 6.88
C ARG C 211 -5.56 17.00 6.07
N GLY C 212 -5.64 16.38 4.91
CA GLY C 212 -6.81 16.51 4.07
C GLY C 212 -7.86 15.46 4.32
N THR C 213 -8.28 14.81 3.25
CA THR C 213 -9.42 13.89 3.27
C THR C 213 -8.93 12.48 3.50
N PRO C 214 -9.30 11.82 4.59
CA PRO C 214 -8.89 10.42 4.79
C PRO C 214 -9.29 9.54 3.62
N GLY C 215 -8.33 8.71 3.18
CA GLY C 215 -8.50 7.84 2.03
C GLY C 215 -7.86 8.36 0.77
N TYR C 216 -7.42 9.62 0.78
CA TYR C 216 -6.88 10.28 -0.41
C TYR C 216 -5.54 10.96 -0.12
N GLY C 217 -4.71 10.31 0.69
CA GLY C 217 -3.33 10.70 0.93
C GLY C 217 -2.41 9.50 0.90
N THR C 218 -1.43 9.44 1.79
CA THR C 218 -0.48 8.36 1.75
C THR C 218 -0.57 7.45 2.97
N CYS C 219 -1.48 7.71 3.92
CA CYS C 219 -1.53 6.84 5.09
C CYS C 219 -1.93 5.43 4.68
N GLY C 220 -1.34 4.44 5.38
CA GLY C 220 -1.62 3.03 5.09
C GLY C 220 -2.84 2.57 5.86
N TRP C 221 -4.02 2.91 5.35
CA TRP C 221 -5.25 2.70 6.13
C TRP C 221 -5.53 1.23 6.42
N ASP C 222 -5.22 0.36 5.46
CA ASP C 222 -5.52 -1.05 5.69
C ASP C 222 -4.69 -1.59 6.83
N GLU C 223 -3.44 -1.16 6.91
CA GLU C 223 -2.57 -1.62 7.99
C GLU C 223 -3.02 -1.02 9.31
N ILE C 224 -3.46 0.23 9.28
CA ILE C 224 -3.93 0.90 10.49
C ILE C 224 -5.15 0.17 11.04
N PHE C 225 -6.14 -0.07 10.21
CA PHE C 225 -7.39 -0.65 10.71
C PHE C 225 -7.24 -2.12 11.04
N SER C 226 -6.46 -2.86 10.25
CA SER C 226 -6.19 -4.25 10.64
C SER C 226 -5.51 -4.28 11.99
N THR C 227 -4.55 -3.37 12.23
CA THR C 227 -3.81 -3.47 13.47
C THR C 227 -4.68 -3.05 14.66
N LEU C 228 -5.50 -2.01 14.49
CA LEU C 228 -6.44 -1.63 15.54
C LEU C 228 -7.41 -2.76 15.86
N ALA C 229 -7.91 -3.46 14.84
CA ALA C 229 -8.77 -4.61 15.15
C ALA C 229 -7.99 -5.68 15.91
N ALA C 230 -6.75 -5.93 15.48
CA ALA C 230 -5.96 -7.01 16.08
C ALA C 230 -5.73 -6.77 17.56
N ILE C 231 -5.52 -5.51 17.98
CA ILE C 231 -5.27 -5.24 19.39
C ILE C 231 -6.56 -5.01 20.19
N GLY C 232 -7.73 -5.15 19.57
CA GLY C 232 -8.98 -4.96 20.29
C GLY C 232 -9.31 -3.51 20.58
N PHE C 233 -8.92 -2.60 19.71
CA PHE C 233 -9.12 -1.18 20.01
C PHE C 233 -10.60 -0.88 20.19
N LYS C 234 -10.94 -0.26 21.31
CA LYS C 234 -12.32 0.14 21.56
C LYS C 234 -12.46 1.63 21.96
N GLY C 235 -11.41 2.42 21.85
CA GLY C 235 -11.47 3.85 22.14
C GLY C 235 -12.10 4.72 21.05
N GLY C 236 -11.81 6.02 21.09
CA GLY C 236 -12.40 6.95 20.11
C GLY C 236 -11.63 6.96 18.78
N LEU C 237 -12.39 7.12 17.69
CA LEU C 237 -11.82 7.30 16.36
C LEU C 237 -12.23 8.68 15.86
N ALA C 238 -11.29 9.61 15.76
CA ALA C 238 -11.62 11.01 15.50
C ALA C 238 -10.93 11.50 14.23
N MET C 239 -11.70 12.18 13.37
CA MET C 239 -11.11 12.87 12.22
C MET C 239 -10.46 14.18 12.69
N GLU C 240 -9.46 14.62 11.94
CA GLU C 240 -8.78 15.88 12.21
C GLU C 240 -8.28 16.39 10.86
N SER C 241 -8.94 17.42 10.37
CA SER C 241 -8.61 18.06 9.10
C SER C 241 -8.68 19.55 9.37
N PHE C 242 -7.58 20.27 9.11
CA PHE C 242 -7.51 21.68 9.47
C PHE C 242 -8.14 22.50 8.33
N ILE C 243 -9.47 22.34 8.21
CA ILE C 243 -10.24 23.20 7.33
C ILE C 243 -10.18 24.63 7.84
N ASN C 244 -10.26 24.79 9.17
CA ASN C 244 -10.09 26.04 9.90
C ASN C 244 -8.91 25.81 10.83
N MET C 245 -8.11 26.84 11.02
CA MET C 245 -6.87 26.75 11.77
C MET C 245 -6.99 27.62 13.01
N PRO C 246 -6.99 27.06 14.21
CA PRO C 246 -6.95 27.90 15.42
C PRO C 246 -5.65 28.70 15.47
N PRO C 247 -5.74 30.01 15.57
CA PRO C 247 -4.53 30.83 15.37
C PRO C 247 -3.44 30.57 16.39
N GLU C 248 -3.77 30.12 17.60
CA GLU C 248 -2.72 29.90 18.58
C GLU C 248 -1.75 28.76 18.23
N VAL C 249 -2.14 27.83 17.35
CA VAL C 249 -1.27 26.72 16.97
C VAL C 249 -0.94 26.74 15.48
N ALA C 250 -1.34 27.79 14.75
CA ALA C 250 -1.15 27.78 13.30
C ALA C 250 0.34 27.73 12.96
N TYR C 251 1.15 28.46 13.70
CA TYR C 251 2.58 28.47 13.42
C TYR C 251 3.16 27.07 13.53
N GLY C 252 2.76 26.34 14.57
CA GLY C 252 3.30 24.99 14.78
C GLY C 252 2.75 23.89 13.87
N LEU C 253 1.50 24.04 13.41
CA LEU C 253 0.83 23.03 12.58
C LEU C 253 1.14 23.16 11.09
N ALA C 254 1.54 24.34 10.65
CA ALA C 254 2.13 24.56 9.32
C ALA C 254 1.19 24.19 8.18
N VAL C 255 -0.02 24.71 8.22
CA VAL C 255 -0.98 24.56 7.14
C VAL C 255 -0.91 25.86 6.35
N TRP C 256 -0.21 25.82 5.23
CA TRP C 256 0.08 27.01 4.47
C TRP C 256 -0.81 27.14 3.25
N ARG C 257 -1.60 26.12 2.96
CA ARG C 257 -2.42 26.05 1.77
C ARG C 257 -3.59 25.15 2.14
N PRO C 258 -4.69 25.24 1.42
CA PRO C 258 -5.89 24.50 1.88
C PRO C 258 -5.63 23.01 1.82
N VAL C 259 -6.09 22.31 2.86
CA VAL C 259 -5.88 20.87 2.96
C VAL C 259 -6.85 20.11 2.09
N ALA C 260 -7.87 20.77 1.59
CA ALA C 260 -8.96 20.13 0.85
C ALA C 260 -9.82 21.32 0.42
N LYS C 261 -10.82 21.04 -0.42
CA LYS C 261 -11.63 22.13 -0.95
C LYS C 261 -12.45 22.79 0.15
N ASP C 262 -13.01 22.00 1.04
CA ASP C 262 -13.96 22.52 2.01
C ASP C 262 -14.39 21.37 2.89
N GLU C 263 -15.11 21.74 3.95
CA GLU C 263 -15.61 20.78 4.92
C GLU C 263 -16.53 19.75 4.31
N GLU C 264 -17.22 20.10 3.24
CA GLU C 264 -18.17 19.16 2.64
C GLU C 264 -17.41 18.00 1.98
N GLU C 265 -16.31 18.30 1.30
CA GLU C 265 -15.49 17.26 0.71
C GLU C 265 -14.89 16.32 1.78
N VAL C 266 -14.31 16.88 2.82
CA VAL C 266 -13.62 16.03 3.78
C VAL C 266 -14.63 15.16 4.50
N MET C 267 -15.72 15.76 4.94
CA MET C 267 -16.70 15.00 5.67
C MET C 267 -17.53 14.13 4.72
N GLY C 268 -17.76 14.56 3.47
CA GLY C 268 -18.58 13.77 2.59
C GLY C 268 -17.86 12.56 2.03
N ASN C 269 -16.53 12.63 1.92
CA ASN C 269 -15.74 11.54 1.40
C ASN C 269 -14.88 10.85 2.46
N GLY C 270 -14.39 11.58 3.44
CA GLY C 270 -13.52 10.97 4.41
C GLY C 270 -14.24 10.15 5.44
N LEU C 271 -15.31 10.72 6.01
CA LEU C 271 -16.04 9.98 7.04
C LEU C 271 -16.59 8.65 6.53
N PRO C 272 -17.29 8.57 5.38
CA PRO C 272 -17.73 7.24 4.92
C PRO C 272 -16.56 6.32 4.67
N PHE C 273 -15.44 6.83 4.14
CA PHE C 273 -14.30 5.94 3.95
C PHE C 273 -13.87 5.32 5.28
N LEU C 274 -13.76 6.14 6.31
CA LEU C 274 -13.28 5.64 7.59
C LEU C 274 -14.30 4.71 8.23
N ARG C 275 -15.59 5.08 8.18
CA ARG C 275 -16.63 4.21 8.73
C ARG C 275 -16.61 2.86 8.03
N ASN C 276 -16.46 2.88 6.72
CA ASN C 276 -16.49 1.65 5.95
C ASN C 276 -15.29 0.79 6.28
N LYS C 277 -14.11 1.41 6.48
CA LYS C 277 -12.95 0.64 6.88
C LYS C 277 -13.12 0.07 8.27
N ALA C 278 -13.66 0.86 9.20
CA ALA C 278 -13.95 0.31 10.52
C ALA C 278 -14.85 -0.92 10.41
N LYS C 279 -15.85 -0.86 9.52
CA LYS C 279 -16.74 -2.01 9.34
C LYS C 279 -16.00 -3.17 8.68
N GLN C 280 -15.22 -2.88 7.63
CA GLN C 280 -14.48 -3.93 6.94
C GLN C 280 -13.64 -4.76 7.89
N TYR C 281 -12.93 -4.11 8.81
CA TYR C 281 -12.01 -4.83 9.69
C TYR C 281 -12.68 -5.21 11.02
N GLY C 282 -13.98 -4.95 11.16
CA GLY C 282 -14.71 -5.34 12.35
C GLY C 282 -14.37 -4.68 13.67
N LEU C 283 -14.03 -3.37 13.66
CA LEU C 283 -14.15 -2.56 14.86
C LEU C 283 -15.60 -2.08 15.09
N ILE C 284 -16.44 -2.15 14.03
CA ILE C 284 -17.75 -1.48 13.85
C ILE C 284 -17.71 -0.06 14.35
N THR D 2 4.76 -27.51 17.21
CA THR D 2 4.56 -26.20 16.60
C THR D 2 5.86 -25.65 16.01
N MET D 3 5.84 -25.46 14.69
CA MET D 3 7.02 -24.95 14.00
C MET D 3 7.35 -23.54 14.48
N GLN D 4 8.63 -23.16 14.36
CA GLN D 4 9.09 -21.85 14.78
C GLN D 4 10.16 -21.34 13.83
N GLY D 5 10.12 -20.06 13.53
CA GLY D 5 11.18 -19.47 12.72
C GLY D 5 10.81 -19.46 11.25
N PHE D 6 11.86 -19.45 10.42
CA PHE D 6 11.70 -19.37 8.97
C PHE D 6 11.97 -20.70 8.28
N GLY D 7 11.12 -21.05 7.32
CA GLY D 7 11.29 -22.25 6.53
C GLY D 7 11.00 -22.03 5.05
N VAL D 8 11.23 -23.09 4.28
CA VAL D 8 10.99 -23.08 2.84
C VAL D 8 10.29 -24.36 2.37
N HIS D 9 9.25 -24.19 1.56
CA HIS D 9 8.62 -25.29 0.84
C HIS D 9 9.57 -25.79 -0.24
N THR D 10 9.82 -27.12 -0.30
CA THR D 10 10.98 -27.62 -1.04
C THR D 10 10.81 -27.59 -2.56
N SER D 11 9.66 -27.18 -3.05
CA SER D 11 9.59 -26.82 -4.46
C SER D 11 10.56 -25.69 -4.81
N MET D 12 11.07 -24.94 -3.82
CA MET D 12 12.16 -24.01 -4.11
C MET D 12 13.28 -24.71 -4.85
N TRP D 13 13.53 -25.97 -4.50
CA TRP D 13 14.73 -26.69 -4.94
C TRP D 13 14.51 -28.05 -5.63
N THR D 14 13.34 -28.69 -5.48
CA THR D 14 13.10 -29.97 -6.10
C THR D 14 11.66 -30.13 -6.54
N MET D 15 11.45 -30.85 -7.66
CA MET D 15 10.09 -31.20 -8.06
C MET D 15 9.51 -32.30 -7.17
N ASN D 16 10.34 -33.28 -6.82
CA ASN D 16 9.88 -34.48 -6.11
C ASN D 16 10.75 -34.74 -4.90
N TRP D 17 10.14 -35.26 -3.86
CA TRP D 17 10.89 -35.65 -2.68
C TRP D 17 11.40 -37.09 -2.84
N ASP D 18 12.19 -37.29 -3.90
CA ASP D 18 12.97 -38.51 -4.03
C ASP D 18 14.32 -38.30 -3.33
N ARG D 19 15.18 -39.32 -3.39
CA ARG D 19 16.44 -39.31 -2.67
C ARG D 19 17.39 -38.23 -3.16
N PRO D 20 17.54 -38.02 -4.48
CA PRO D 20 18.41 -36.92 -4.91
C PRO D 20 17.78 -35.56 -4.66
N GLY D 21 16.45 -35.47 -4.76
CA GLY D 21 15.79 -34.22 -4.42
C GLY D 21 15.91 -33.90 -2.94
N ALA D 22 15.77 -34.91 -2.08
CA ALA D 22 15.92 -34.67 -0.66
C ALA D 22 17.34 -34.23 -0.34
N GLU D 23 18.33 -34.85 -0.98
CA GLU D 23 19.72 -34.48 -0.70
C GLU D 23 20.00 -33.03 -1.10
N ARG D 24 19.45 -32.56 -2.22
CA ARG D 24 19.75 -31.21 -2.72
C ARG D 24 18.99 -30.14 -1.97
N ALA D 25 17.71 -30.39 -1.70
CA ALA D 25 16.93 -29.45 -0.92
C ALA D 25 17.52 -29.25 0.46
N VAL D 26 17.96 -30.33 1.11
CA VAL D 26 18.46 -30.13 2.46
C VAL D 26 19.76 -29.33 2.43
N ALA D 27 20.62 -29.60 1.45
CA ALA D 27 21.87 -28.86 1.34
C ALA D 27 21.59 -27.37 1.10
N ALA D 28 20.62 -27.07 0.24
CA ALA D 28 20.29 -25.68 -0.03
C ALA D 28 19.74 -25.00 1.22
N ALA D 29 18.86 -25.69 1.95
CA ALA D 29 18.32 -25.08 3.16
C ALA D 29 19.42 -24.75 4.18
N LEU D 30 20.46 -25.58 4.25
CA LEU D 30 21.57 -25.28 5.15
C LEU D 30 22.25 -23.98 4.78
N LYS D 31 22.48 -23.80 3.47
CA LYS D 31 23.19 -22.65 2.95
C LYS D 31 22.51 -21.34 3.31
N TYR D 32 21.19 -21.33 3.42
CA TYR D 32 20.43 -20.13 3.77
C TYR D 32 20.06 -20.07 5.25
N GLU D 33 20.45 -21.06 6.04
CA GLU D 33 20.31 -21.01 7.48
C GLU D 33 18.85 -20.88 7.92
N VAL D 34 17.97 -21.61 7.24
CA VAL D 34 16.58 -21.62 7.65
C VAL D 34 16.43 -22.65 8.75
N ASP D 35 15.29 -22.63 9.43
CA ASP D 35 15.05 -23.50 10.56
C ASP D 35 14.26 -24.76 10.20
N PHE D 36 13.56 -24.77 9.07
CA PHE D 36 12.72 -25.93 8.78
C PHE D 36 12.44 -25.93 7.30
N ILE D 37 12.11 -27.11 6.78
CA ILE D 37 11.69 -27.22 5.40
C ILE D 37 10.33 -27.89 5.40
N GLU D 38 9.56 -27.61 4.37
CA GLU D 38 8.23 -28.19 4.22
C GLU D 38 8.28 -29.13 3.01
N ILE D 39 8.00 -30.41 3.26
CA ILE D 39 8.24 -31.47 2.28
C ILE D 39 6.90 -31.87 1.66
N PRO D 40 6.72 -31.77 0.35
CA PRO D 40 5.46 -32.22 -0.25
C PRO D 40 5.38 -33.75 -0.17
N MET D 41 4.20 -34.25 0.20
CA MET D 41 3.96 -35.65 0.52
C MET D 41 2.94 -36.12 -0.52
N LEU D 42 3.34 -36.02 -1.78
CA LEU D 42 2.43 -36.28 -2.88
C LEU D 42 2.46 -37.74 -3.36
N ASN D 43 3.53 -38.47 -3.06
CA ASN D 43 3.61 -39.91 -3.40
C ASN D 43 4.21 -40.61 -2.19
N PRO D 44 3.42 -40.83 -1.15
CA PRO D 44 3.97 -41.32 0.13
C PRO D 44 4.76 -42.61 -0.03
N PRO D 45 4.23 -43.64 -0.76
CA PRO D 45 4.98 -44.91 -0.84
C PRO D 45 6.30 -44.77 -1.57
N ALA D 46 6.59 -43.59 -2.12
CA ALA D 46 7.85 -43.39 -2.81
C ALA D 46 8.90 -42.73 -1.93
N VAL D 47 8.56 -42.25 -0.76
CA VAL D 47 9.50 -41.49 0.05
C VAL D 47 10.36 -42.45 0.87
N ASP D 48 11.65 -42.29 0.79
CA ASP D 48 12.62 -43.00 1.64
C ASP D 48 12.70 -42.22 2.94
N THR D 49 11.87 -42.63 3.91
CA THR D 49 11.78 -41.90 5.16
C THR D 49 13.10 -41.92 5.94
N GLU D 50 13.76 -43.07 6.03
CA GLU D 50 14.99 -43.12 6.81
C GLU D 50 16.08 -42.25 6.18
N HIS D 51 16.17 -42.25 4.85
CA HIS D 51 17.12 -41.36 4.17
C HIS D 51 16.84 -39.90 4.50
N THR D 52 15.57 -39.52 4.59
CA THR D 52 15.23 -38.13 4.91
C THR D 52 15.48 -37.84 6.39
N ARG D 53 14.94 -38.68 7.27
CA ARG D 53 15.13 -38.49 8.70
C ARG D 53 16.61 -38.33 9.02
N ALA D 54 17.45 -39.17 8.42
CA ALA D 54 18.89 -39.09 8.65
C ALA D 54 19.46 -37.74 8.24
N LEU D 55 19.02 -37.22 7.10
CA LEU D 55 19.53 -35.93 6.67
C LEU D 55 19.09 -34.83 7.63
N LEU D 56 17.85 -34.91 8.12
CA LEU D 56 17.34 -33.91 9.04
C LEU D 56 18.17 -33.88 10.33
N GLU D 57 18.28 -35.02 11.01
CA GLU D 57 19.09 -35.09 12.23
C GLU D 57 20.51 -34.63 11.98
N LYS D 58 21.18 -35.20 10.97
CA LYS D 58 22.57 -34.85 10.69
C LYS D 58 22.76 -33.35 10.56
N ASN D 59 21.78 -32.63 10.02
CA ASN D 59 21.93 -31.22 9.73
C ASN D 59 21.11 -30.33 10.64
N GLU D 60 20.50 -30.87 11.68
CA GLU D 60 19.81 -30.04 12.68
C GLU D 60 18.63 -29.29 12.04
N LEU D 61 17.82 -30.03 11.29
CA LEU D 61 16.76 -29.43 10.49
C LEU D 61 15.42 -30.01 10.87
N ARG D 62 14.47 -29.14 11.15
CA ARG D 62 13.13 -29.62 11.38
C ARG D 62 12.35 -29.62 10.08
N ALA D 63 11.18 -30.25 10.11
CA ALA D 63 10.40 -30.44 8.91
C ALA D 63 8.96 -30.71 9.26
N LEU D 64 8.11 -30.44 8.27
CA LEU D 64 6.71 -30.84 8.24
C LEU D 64 6.38 -31.14 6.79
N CYS D 65 5.25 -31.78 6.57
CA CYS D 65 4.86 -32.12 5.22
C CYS D 65 3.52 -31.49 4.89
N SER D 66 3.31 -31.33 3.59
CA SER D 66 2.03 -30.87 3.06
C SER D 66 1.65 -31.70 1.84
N LEU D 67 0.36 -31.66 1.52
CA LEU D 67 -0.15 -32.33 0.32
C LEU D 67 -1.46 -31.69 -0.09
N GLY D 68 -1.90 -32.04 -1.29
CA GLY D 68 -3.31 -31.99 -1.66
C GLY D 68 -3.75 -33.41 -1.91
N LEU D 69 -5.05 -33.70 -1.74
CA LEU D 69 -5.53 -35.07 -1.97
C LEU D 69 -5.72 -35.31 -3.46
N PRO D 70 -5.25 -36.44 -3.99
CA PRO D 70 -5.60 -36.82 -5.37
C PRO D 70 -7.08 -37.08 -5.50
N GLU D 71 -7.59 -36.95 -6.72
CA GLU D 71 -9.04 -36.97 -6.90
C GLU D 71 -9.67 -38.28 -6.41
N ARG D 72 -8.94 -39.39 -6.50
CA ARG D 72 -9.46 -40.67 -5.99
C ARG D 72 -9.71 -40.64 -4.50
N ALA D 73 -9.20 -39.62 -3.77
CA ALA D 73 -9.42 -39.59 -2.33
C ALA D 73 -9.88 -38.23 -1.81
N TRP D 74 -10.55 -37.43 -2.65
CA TRP D 74 -11.11 -36.18 -2.15
C TRP D 74 -12.15 -36.47 -1.06
N ALA D 75 -11.91 -35.89 0.13
CA ALA D 75 -12.76 -36.12 1.29
C ALA D 75 -14.19 -35.65 1.05
N SER D 76 -14.35 -34.61 0.25
CA SER D 76 -15.67 -34.10 -0.14
C SER D 76 -16.62 -35.21 -0.58
N VAL D 77 -16.09 -36.23 -1.24
CA VAL D 77 -16.92 -37.10 -2.06
C VAL D 77 -16.57 -38.57 -1.85
N ARG D 78 -15.29 -38.87 -1.65
CA ARG D 78 -14.81 -40.22 -1.33
C ARG D 78 -14.14 -40.22 0.04
N PRO D 79 -14.92 -39.98 1.10
CA PRO D 79 -14.33 -39.86 2.44
C PRO D 79 -13.50 -41.04 2.90
N ASP D 80 -13.97 -42.25 2.63
CA ASP D 80 -13.27 -43.44 3.08
C ASP D 80 -11.90 -43.54 2.43
N ALA D 81 -11.84 -43.31 1.11
CA ALA D 81 -10.53 -43.22 0.46
C ALA D 81 -9.69 -42.11 1.10
N ALA D 82 -10.34 -41.00 1.45
CA ALA D 82 -9.57 -39.87 1.98
C ALA D 82 -8.93 -40.23 3.30
N ILE D 83 -9.71 -40.83 4.20
CA ILE D 83 -9.14 -41.20 5.50
C ILE D 83 -7.95 -42.12 5.30
N GLU D 84 -8.10 -43.14 4.42
CA GLU D 84 -7.02 -44.10 4.26
C GLU D 84 -5.80 -43.44 3.61
N HIS D 85 -5.99 -42.53 2.66
CA HIS D 85 -4.82 -41.86 2.09
C HIS D 85 -4.11 -41.05 3.16
N LEU D 86 -4.87 -40.42 4.05
CA LEU D 86 -4.26 -39.53 5.04
C LEU D 86 -3.53 -40.33 6.10
N LYS D 87 -4.06 -41.50 6.47
CA LYS D 87 -3.35 -42.36 7.41
C LYS D 87 -1.98 -42.72 6.87
N VAL D 88 -1.90 -43.03 5.59
CA VAL D 88 -0.62 -43.35 5.00
C VAL D 88 0.29 -42.12 5.02
N ALA D 89 -0.25 -40.98 4.58
CA ALA D 89 0.59 -39.78 4.55
C ALA D 89 0.99 -39.38 5.95
N ILE D 90 0.07 -39.52 6.91
CA ILE D 90 0.40 -39.24 8.29
C ILE D 90 1.56 -40.12 8.74
N ASP D 91 1.47 -41.41 8.45
CA ASP D 91 2.48 -42.34 8.96
C ASP D 91 3.85 -42.00 8.39
N LYS D 92 3.92 -41.73 7.10
CA LYS D 92 5.21 -41.41 6.50
C LYS D 92 5.72 -40.06 6.98
N THR D 93 4.83 -39.10 7.24
CA THR D 93 5.28 -37.83 7.79
C THR D 93 5.97 -38.09 9.13
N ALA D 94 5.30 -38.81 10.02
CA ALA D 94 5.91 -39.17 11.29
C ALA D 94 7.24 -39.89 11.08
N ASP D 95 7.26 -40.86 10.16
CA ASP D 95 8.44 -41.71 10.04
C ASP D 95 9.67 -40.89 9.73
N LEU D 96 9.53 -39.84 8.91
CA LEU D 96 10.72 -39.12 8.48
C LEU D 96 11.14 -38.01 9.44
N GLY D 97 10.39 -37.83 10.53
CA GLY D 97 10.65 -36.78 11.47
C GLY D 97 9.74 -35.58 11.36
N GLY D 98 8.78 -35.62 10.44
CA GLY D 98 7.88 -34.48 10.29
C GLY D 98 7.06 -34.24 11.54
N GLU D 99 6.76 -32.96 11.81
CA GLU D 99 5.99 -32.60 13.00
C GLU D 99 4.55 -32.31 12.70
N ALA D 100 4.20 -32.16 11.43
CA ALA D 100 2.81 -32.02 11.07
C ALA D 100 2.66 -32.33 9.60
N LEU D 101 1.42 -32.57 9.22
CA LEU D 101 0.99 -32.72 7.84
C LEU D 101 -0.02 -31.62 7.63
N SER D 102 0.19 -30.78 6.62
CA SER D 102 -0.63 -29.60 6.45
C SER D 102 -0.97 -29.41 4.99
N GLY D 103 -1.75 -28.38 4.72
CA GLY D 103 -2.04 -28.01 3.36
C GLY D 103 -3.48 -28.31 3.06
N VAL D 104 -3.76 -28.76 1.83
CA VAL D 104 -5.13 -29.07 1.44
C VAL D 104 -5.40 -30.53 1.77
N ILE D 105 -5.38 -30.86 3.06
CA ILE D 105 -5.59 -32.20 3.53
C ILE D 105 -7.08 -32.60 3.47
N TYR D 106 -7.92 -31.65 3.07
CA TYR D 106 -9.36 -31.86 3.07
C TYR D 106 -9.94 -32.00 1.67
N GLY D 107 -9.09 -32.09 0.65
CA GLY D 107 -9.61 -32.06 -0.70
C GLY D 107 -8.52 -31.86 -1.71
N GLY D 108 -8.93 -31.51 -2.92
CA GLY D 108 -8.05 -31.44 -4.06
C GLY D 108 -7.55 -30.03 -4.33
N ILE D 109 -6.32 -29.95 -4.79
CA ILE D 109 -5.80 -28.77 -5.45
C ILE D 109 -6.26 -28.88 -6.90
N GLY D 110 -7.23 -28.06 -7.27
CA GLY D 110 -7.95 -28.22 -8.50
C GLY D 110 -9.32 -28.85 -8.37
N GLU D 111 -9.84 -28.99 -7.16
CA GLU D 111 -11.19 -29.50 -6.96
C GLU D 111 -12.25 -28.42 -7.14
N ARG D 112 -13.30 -28.75 -7.89
CA ARG D 112 -14.34 -27.81 -8.32
C ARG D 112 -15.55 -28.67 -8.68
N THR D 113 -16.68 -28.48 -7.99
CA THR D 113 -17.91 -29.12 -8.41
C THR D 113 -18.61 -28.33 -9.50
N GLY D 114 -18.30 -27.05 -9.62
CA GLY D 114 -19.04 -26.14 -10.45
C GLY D 114 -20.20 -25.46 -9.74
N VAL D 115 -20.50 -25.85 -8.51
CA VAL D 115 -21.48 -25.14 -7.70
C VAL D 115 -20.95 -24.89 -6.29
N PRO D 116 -21.68 -24.14 -5.47
CA PRO D 116 -21.21 -23.87 -4.12
C PRO D 116 -21.13 -25.14 -3.29
N PRO D 117 -20.30 -25.16 -2.25
CA PRO D 117 -20.24 -26.35 -1.41
C PRO D 117 -21.54 -26.55 -0.63
N THR D 118 -21.86 -27.82 -0.44
CA THR D 118 -23.02 -28.37 0.26
C THR D 118 -22.65 -28.71 1.69
N GLU D 119 -23.65 -28.72 2.59
CA GLU D 119 -23.37 -29.20 3.94
C GLU D 119 -23.04 -30.69 3.96
N ALA D 120 -23.45 -31.45 2.94
CA ALA D 120 -23.03 -32.85 2.85
C ALA D 120 -21.52 -32.93 2.61
N GLU D 121 -20.99 -32.09 1.72
CA GLU D 121 -19.56 -32.09 1.47
C GLU D 121 -18.80 -31.78 2.75
N TYR D 122 -19.26 -30.77 3.51
CA TYR D 122 -18.57 -30.42 4.75
C TYR D 122 -18.81 -31.50 5.82
N ASP D 123 -19.95 -32.18 5.77
CA ASP D 123 -20.17 -33.35 6.64
C ASP D 123 -19.10 -34.41 6.40
N ASN D 124 -18.79 -34.69 5.13
CA ASN D 124 -17.76 -35.67 4.81
C ASN D 124 -16.38 -35.18 5.22
N ILE D 125 -16.06 -33.91 4.93
CA ILE D 125 -14.77 -33.42 5.36
C ILE D 125 -14.62 -33.60 6.86
N ALA D 126 -15.64 -33.21 7.62
CA ALA D 126 -15.54 -33.28 9.07
C ALA D 126 -15.20 -34.69 9.53
N ARG D 127 -15.93 -35.68 9.01
CA ARG D 127 -15.66 -37.10 9.31
C ARG D 127 -14.23 -37.47 8.97
N VAL D 128 -13.79 -37.16 7.75
CA VAL D 128 -12.40 -37.43 7.38
C VAL D 128 -11.45 -36.83 8.39
N LEU D 129 -11.70 -35.58 8.81
CA LEU D 129 -10.68 -34.87 9.59
C LEU D 129 -10.60 -35.42 11.01
N SER D 130 -11.75 -35.70 11.63
CA SER D 130 -11.74 -36.32 12.96
C SER D 130 -10.94 -37.62 12.96
N ALA D 131 -11.31 -38.52 12.05
CA ALA D 131 -10.57 -39.76 11.89
C ALA D 131 -9.09 -39.44 11.70
N ALA D 132 -8.77 -38.55 10.76
CA ALA D 132 -7.35 -38.27 10.53
C ALA D 132 -6.69 -37.73 11.78
N ALA D 133 -7.36 -36.81 12.50
CA ALA D 133 -6.72 -36.16 13.64
C ALA D 133 -6.44 -37.17 14.75
N LYS D 134 -7.37 -38.11 14.93
CA LYS D 134 -7.12 -39.25 15.81
C LYS D 134 -5.86 -40.01 15.41
N HIS D 135 -5.75 -40.36 14.13
CA HIS D 135 -4.54 -41.10 13.74
C HIS D 135 -3.29 -40.23 13.87
N ALA D 136 -3.40 -38.93 13.57
CA ALA D 136 -2.23 -38.06 13.74
C ALA D 136 -1.80 -37.99 15.20
N LYS D 137 -2.76 -37.94 16.10
CA LYS D 137 -2.45 -37.93 17.53
C LYS D 137 -1.68 -39.18 17.90
N SER D 138 -2.10 -40.34 17.36
CA SER D 138 -1.42 -41.61 17.65
C SER D 138 0.06 -41.56 17.24
N ARG D 139 0.41 -40.76 16.25
CA ARG D 139 1.81 -40.69 15.85
C ARG D 139 2.50 -39.44 16.38
N GLY D 140 1.82 -38.64 17.19
CA GLY D 140 2.48 -37.49 17.79
C GLY D 140 2.71 -36.32 16.85
N ILE D 141 1.86 -36.15 15.84
CA ILE D 141 1.97 -35.00 14.96
C ILE D 141 0.64 -34.24 14.96
N GLU D 142 0.69 -33.04 14.38
CA GLU D 142 -0.50 -32.25 14.17
C GLU D 142 -0.82 -32.19 12.69
N LEU D 143 -2.06 -31.81 12.42
CA LEU D 143 -2.61 -31.58 11.10
C LEU D 143 -2.84 -30.09 10.91
N GLY D 144 -2.63 -29.61 9.70
CA GLY D 144 -2.96 -28.24 9.34
C GLY D 144 -3.95 -28.21 8.19
N VAL D 145 -4.90 -27.28 8.27
CA VAL D 145 -5.89 -27.03 7.22
C VAL D 145 -5.55 -25.69 6.57
N GLU D 146 -5.18 -25.72 5.30
CA GLU D 146 -4.76 -24.53 4.57
C GLU D 146 -5.94 -24.00 3.79
N ALA D 147 -6.29 -22.73 4.01
CA ALA D 147 -7.30 -22.11 3.17
C ALA D 147 -6.65 -21.79 1.82
N VAL D 148 -7.31 -22.13 0.71
CA VAL D 148 -6.77 -21.80 -0.61
C VAL D 148 -7.82 -21.11 -1.44
N ASN D 149 -7.41 -20.57 -2.58
CA ASN D 149 -8.34 -19.69 -3.29
C ASN D 149 -9.37 -20.47 -4.09
N ARG D 150 -10.38 -19.72 -4.55
CA ARG D 150 -11.60 -20.27 -5.14
C ARG D 150 -11.34 -21.15 -6.36
N TYR D 151 -10.19 -20.98 -7.02
CA TYR D 151 -9.90 -21.73 -8.23
C TYR D 151 -9.17 -23.04 -7.95
N GLU D 152 -8.67 -23.22 -6.73
CA GLU D 152 -7.97 -24.43 -6.36
C GLU D 152 -8.86 -25.32 -5.51
N ASN D 153 -9.84 -24.75 -4.82
CA ASN D 153 -10.78 -25.56 -4.06
C ASN D 153 -12.02 -24.71 -3.80
N HIS D 154 -13.18 -25.38 -3.68
CA HIS D 154 -14.41 -24.65 -3.49
C HIS D 154 -14.92 -24.71 -2.04
N LEU D 155 -14.22 -25.42 -1.18
CA LEU D 155 -14.72 -25.72 0.17
C LEU D 155 -14.16 -24.81 1.26
N ILE D 156 -12.87 -24.53 1.25
CA ILE D 156 -12.25 -23.75 2.31
C ILE D 156 -11.34 -22.71 1.69
N ASN D 157 -11.83 -21.46 1.63
CA ASN D 157 -11.14 -20.38 0.94
C ASN D 157 -10.61 -19.29 1.86
N THR D 158 -11.11 -19.17 3.08
CA THR D 158 -10.80 -18.05 3.95
C THR D 158 -10.42 -18.55 5.33
N GLY D 159 -9.65 -17.75 6.06
CA GLY D 159 -9.43 -18.04 7.45
C GLY D 159 -10.71 -18.37 8.20
N TRP D 160 -11.80 -17.65 7.93
CA TRP D 160 -13.01 -17.87 8.74
C TRP D 160 -13.63 -19.25 8.44
N GLN D 161 -13.70 -19.65 7.16
CA GLN D 161 -14.14 -21.00 6.82
C GLN D 161 -13.25 -22.05 7.47
N ALA D 162 -11.93 -21.88 7.38
CA ALA D 162 -11.01 -22.83 7.99
C ALA D 162 -11.30 -22.98 9.47
N VAL D 163 -11.53 -21.85 10.14
CA VAL D 163 -11.77 -21.86 11.58
C VAL D 163 -13.05 -22.59 11.88
N GLN D 164 -14.10 -22.32 11.11
CA GLN D 164 -15.37 -23.04 11.34
C GLN D 164 -15.21 -24.55 11.18
N MET D 165 -14.49 -25.00 10.15
CA MET D 165 -14.24 -26.43 10.03
C MET D 165 -13.53 -26.96 11.26
N ILE D 166 -12.49 -26.27 11.71
CA ILE D 166 -11.71 -26.79 12.81
C ILE D 166 -12.53 -26.85 14.08
N GLU D 167 -13.42 -25.88 14.26
CA GLU D 167 -14.26 -25.88 15.46
C GLU D 167 -15.30 -26.98 15.41
N ARG D 168 -15.83 -27.27 14.23
CA ARG D 168 -16.74 -28.40 14.07
C ARG D 168 -16.08 -29.72 14.44
N VAL D 169 -14.87 -29.97 13.95
CA VAL D 169 -14.18 -31.24 14.17
C VAL D 169 -13.82 -31.47 15.64
N GLY D 170 -13.50 -30.40 16.37
CA GLY D 170 -13.23 -30.56 17.78
C GLY D 170 -11.87 -31.10 18.14
N ALA D 171 -10.99 -31.34 17.16
CA ALA D 171 -9.68 -31.88 17.49
C ALA D 171 -8.76 -30.80 18.02
N ASP D 172 -8.12 -31.12 19.15
CA ASP D 172 -7.06 -30.31 19.73
C ASP D 172 -5.88 -30.11 18.80
N ASN D 173 -5.67 -30.99 17.82
CA ASN D 173 -4.40 -31.04 17.11
C ASN D 173 -4.48 -30.63 15.64
N ILE D 174 -5.57 -29.99 15.22
CA ILE D 174 -5.64 -29.37 13.89
C ILE D 174 -5.51 -27.84 14.03
N PHE D 175 -4.56 -27.25 13.28
CA PHE D 175 -4.39 -25.80 13.25
C PHE D 175 -4.77 -25.22 11.90
N VAL D 176 -4.85 -23.86 11.82
CA VAL D 176 -5.16 -23.19 10.56
C VAL D 176 -3.83 -22.81 9.93
N HIS D 177 -3.77 -22.85 8.61
CA HIS D 177 -2.57 -22.60 7.84
C HIS D 177 -3.01 -21.62 6.79
N LEU D 178 -2.48 -20.39 6.84
CA LEU D 178 -2.84 -19.42 5.83
C LEU D 178 -1.71 -19.24 4.83
N ASP D 179 -2.04 -18.66 3.68
CA ASP D 179 -1.07 -18.43 2.60
C ASP D 179 -1.35 -17.07 1.96
N THR D 180 -0.35 -16.20 1.94
CA THR D 180 -0.61 -14.81 1.57
C THR D 180 -1.00 -14.72 0.10
N TYR D 181 -0.50 -15.64 -0.73
CA TYR D 181 -0.93 -15.72 -2.12
C TYR D 181 -2.43 -15.97 -2.23
N HIS D 182 -2.95 -16.81 -1.36
CA HIS D 182 -4.38 -17.10 -1.43
C HIS D 182 -5.20 -15.99 -0.78
N MET D 183 -4.72 -15.46 0.33
CA MET D 183 -5.45 -14.39 1.00
C MET D 183 -5.56 -13.16 0.13
N ASN D 184 -4.50 -12.86 -0.62
CA ASN D 184 -4.48 -11.80 -1.62
C ASN D 184 -5.73 -11.83 -2.51
N ILE D 185 -6.26 -13.00 -2.80
CA ILE D 185 -7.44 -13.13 -3.64
C ILE D 185 -8.72 -13.15 -2.81
N GLU D 186 -8.69 -13.90 -1.71
CA GLU D 186 -9.88 -14.32 -1.00
C GLU D 186 -10.28 -13.41 0.15
N GLU D 187 -9.34 -12.71 0.78
CA GLU D 187 -9.69 -12.02 2.02
C GLU D 187 -10.02 -10.56 1.70
N LYS D 188 -11.02 -10.06 2.41
CA LYS D 188 -11.55 -8.72 2.19
C LYS D 188 -10.71 -7.76 3.04
N GLY D 189 -9.48 -7.55 2.56
CA GLY D 189 -8.47 -6.90 3.35
C GLY D 189 -7.66 -8.05 3.91
N VAL D 190 -6.39 -8.13 3.54
CA VAL D 190 -5.63 -9.35 3.79
C VAL D 190 -5.54 -9.63 5.28
N GLY D 191 -5.45 -8.58 6.11
CA GLY D 191 -5.34 -8.78 7.56
C GLY D 191 -6.55 -9.45 8.17
N ASN D 192 -7.70 -9.34 7.50
CA ASN D 192 -8.91 -10.05 7.98
C ASN D 192 -8.75 -11.57 7.98
N GLY D 193 -7.93 -12.12 7.10
CA GLY D 193 -7.67 -13.55 7.14
C GLY D 193 -6.98 -13.98 8.42
N ILE D 194 -5.96 -13.23 8.81
CA ILE D 194 -5.21 -13.48 10.02
C ILE D 194 -6.06 -13.22 11.24
N LEU D 195 -6.85 -12.14 11.23
CA LEU D 195 -7.69 -11.85 12.38
C LEU D 195 -8.66 -12.98 12.62
N ASP D 196 -9.41 -13.38 11.60
CA ASP D 196 -10.37 -14.48 11.76
C ASP D 196 -9.70 -15.77 12.24
N ALA D 197 -8.48 -16.05 11.80
CA ALA D 197 -7.85 -17.32 12.15
C ALA D 197 -7.09 -17.26 13.46
N ARG D 198 -7.21 -16.14 14.17
CA ARG D 198 -6.29 -15.79 15.24
C ARG D 198 -6.10 -16.91 16.26
N GLU D 199 -7.19 -17.55 16.68
CA GLU D 199 -7.13 -18.52 17.77
C GLU D 199 -6.50 -19.84 17.36
N HIS D 200 -6.25 -20.03 16.06
CA HIS D 200 -5.83 -21.34 15.56
C HIS D 200 -4.69 -21.24 14.58
N LEU D 201 -4.17 -20.04 14.31
CA LEU D 201 -3.18 -19.87 13.26
C LEU D 201 -1.82 -20.27 13.78
N LYS D 202 -1.24 -21.31 13.19
CA LYS D 202 0.09 -21.72 13.61
C LYS D 202 1.06 -21.85 12.45
N TYR D 203 0.67 -21.45 11.24
CA TYR D 203 1.53 -21.64 10.09
C TYR D 203 1.06 -20.71 8.99
N ILE D 204 2.00 -20.09 8.29
CA ILE D 204 1.61 -19.21 7.20
C ILE D 204 2.66 -19.29 6.10
N HIS D 205 2.16 -19.37 4.87
CA HIS D 205 2.99 -19.30 3.67
C HIS D 205 3.14 -17.85 3.30
N LEU D 206 4.37 -17.32 3.40
CA LEU D 206 4.68 -15.99 2.95
C LEU D 206 5.01 -16.08 1.46
N SER D 207 3.96 -16.11 0.66
CA SER D 207 4.08 -16.37 -0.77
C SER D 207 3.64 -15.12 -1.54
N GLU D 208 4.44 -14.72 -2.51
CA GLU D 208 4.06 -13.53 -3.24
C GLU D 208 2.85 -13.80 -4.14
N SER D 209 2.27 -12.69 -4.57
CA SER D 209 0.97 -12.73 -5.24
C SER D 209 0.99 -13.50 -6.55
N ASP D 210 2.15 -13.56 -7.20
CA ASP D 210 2.31 -14.30 -8.43
C ASP D 210 3.17 -15.54 -8.24
N ARG D 211 3.34 -15.98 -6.99
CA ARG D 211 4.19 -17.09 -6.56
C ARG D 211 5.67 -16.80 -6.80
N GLY D 212 6.02 -15.55 -7.04
CA GLY D 212 7.41 -15.18 -7.29
C GLY D 212 8.14 -14.79 -6.02
N THR D 213 8.85 -13.68 -6.10
CA THR D 213 9.81 -13.29 -5.05
C THR D 213 9.10 -12.40 -4.06
N PRO D 214 8.98 -12.80 -2.81
CA PRO D 214 8.33 -11.93 -1.83
C PRO D 214 8.94 -10.53 -1.84
N GLY D 215 8.05 -9.52 -1.79
CA GLY D 215 8.41 -8.12 -1.82
C GLY D 215 8.32 -7.50 -3.19
N TYR D 216 8.07 -8.31 -4.22
CA TYR D 216 8.07 -7.84 -5.60
C TYR D 216 6.79 -8.26 -6.30
N GLY D 217 5.69 -8.32 -5.56
CA GLY D 217 4.37 -8.50 -6.12
C GLY D 217 3.39 -7.47 -5.58
N THR D 218 2.16 -7.93 -5.32
CA THR D 218 1.08 -7.08 -4.88
C THR D 218 0.64 -7.38 -3.44
N CYS D 219 1.26 -8.34 -2.75
CA CYS D 219 0.81 -8.65 -1.39
C CYS D 219 1.07 -7.47 -0.45
N GLY D 220 0.13 -7.24 0.49
CA GLY D 220 0.28 -6.15 1.45
C GLY D 220 1.11 -6.55 2.66
N TRP D 221 2.45 -6.59 2.47
CA TRP D 221 3.36 -7.18 3.47
C TRP D 221 3.35 -6.42 4.81
N ASP D 222 3.23 -5.09 4.76
CA ASP D 222 3.21 -4.33 6.03
C ASP D 222 1.97 -4.69 6.83
N GLU D 223 0.82 -4.68 6.17
CA GLU D 223 -0.40 -5.11 6.85
C GLU D 223 -0.27 -6.55 7.34
N ILE D 224 0.34 -7.41 6.53
CA ILE D 224 0.46 -8.81 6.94
C ILE D 224 1.30 -8.91 8.20
N PHE D 225 2.50 -8.30 8.18
CA PHE D 225 3.40 -8.52 9.31
C PHE D 225 2.91 -7.77 10.55
N SER D 226 2.30 -6.60 10.36
CA SER D 226 1.75 -5.90 11.50
C SER D 226 0.65 -6.70 12.16
N THR D 227 -0.24 -7.32 11.37
CA THR D 227 -1.33 -8.05 11.97
C THR D 227 -0.82 -9.31 12.68
N LEU D 228 0.16 -9.99 12.08
CA LEU D 228 0.77 -11.13 12.77
C LEU D 228 1.41 -10.70 14.09
N ALA D 229 2.20 -9.63 14.09
CA ALA D 229 2.74 -9.13 15.36
C ALA D 229 1.60 -8.82 16.33
N ALA D 230 0.54 -8.20 15.83
CA ALA D 230 -0.54 -7.78 16.71
C ALA D 230 -1.20 -8.94 17.41
N ILE D 231 -1.36 -10.09 16.72
CA ILE D 231 -2.04 -11.20 17.33
C ILE D 231 -1.10 -12.12 18.10
N GLY D 232 0.17 -11.78 18.20
CA GLY D 232 1.11 -12.66 18.86
C GLY D 232 1.42 -13.95 18.12
N PHE D 233 1.62 -13.88 16.80
CA PHE D 233 1.92 -15.08 16.04
C PHE D 233 3.27 -15.64 16.44
N LYS D 234 3.32 -16.96 16.64
CA LYS D 234 4.55 -17.66 17.02
C LYS D 234 4.85 -18.92 16.21
N GLY D 235 3.91 -19.39 15.37
CA GLY D 235 4.16 -20.54 14.53
C GLY D 235 5.18 -20.31 13.43
N GLY D 236 5.07 -21.06 12.34
CA GLY D 236 6.11 -21.06 11.33
C GLY D 236 5.87 -20.05 10.21
N LEU D 237 6.97 -19.55 9.64
CA LEU D 237 6.92 -18.60 8.55
C LEU D 237 7.66 -19.26 7.39
N ALA D 238 6.94 -19.60 6.33
CA ALA D 238 7.51 -20.43 5.29
C ALA D 238 7.38 -19.77 3.93
N MET D 239 8.49 -19.66 3.21
CA MET D 239 8.41 -19.29 1.80
C MET D 239 7.84 -20.42 0.93
N GLU D 240 7.06 -20.04 -0.09
CA GLU D 240 6.50 -20.93 -1.09
C GLU D 240 6.61 -20.23 -2.45
N SER D 241 7.58 -20.63 -3.25
CA SER D 241 7.73 -20.18 -4.61
C SER D 241 7.94 -21.38 -5.52
N PHE D 242 7.12 -21.52 -6.55
CA PHE D 242 7.18 -22.74 -7.36
C PHE D 242 8.22 -22.60 -8.49
N ILE D 243 9.48 -22.61 -8.07
CA ILE D 243 10.58 -22.65 -9.04
C ILE D 243 10.54 -23.98 -9.79
N ASN D 244 10.36 -25.06 -9.03
CA ASN D 244 10.06 -26.38 -9.55
C ASN D 244 8.64 -26.69 -9.12
N MET D 245 7.94 -27.39 -9.99
CA MET D 245 6.52 -27.66 -9.85
C MET D 245 6.32 -29.15 -9.63
N PRO D 246 5.82 -29.59 -8.48
CA PRO D 246 5.51 -31.01 -8.29
C PRO D 246 4.44 -31.46 -9.27
N PRO D 247 4.68 -32.57 -9.98
CA PRO D 247 3.82 -32.89 -11.13
C PRO D 247 2.39 -33.17 -10.76
N GLU D 248 2.13 -33.78 -9.61
CA GLU D 248 0.79 -34.19 -9.23
C GLU D 248 -0.12 -32.99 -8.95
N VAL D 249 0.42 -31.80 -8.68
CA VAL D 249 -0.39 -30.62 -8.41
C VAL D 249 -0.22 -29.51 -9.45
N ALA D 250 0.53 -29.75 -10.52
CA ALA D 250 0.75 -28.70 -11.52
C ALA D 250 -0.56 -28.19 -12.10
N TYR D 251 -1.42 -29.11 -12.51
CA TYR D 251 -2.66 -28.71 -13.15
C TYR D 251 -3.43 -27.72 -12.29
N GLY D 252 -3.46 -27.96 -10.98
CA GLY D 252 -4.26 -27.13 -10.10
C GLY D 252 -3.57 -25.85 -9.67
N LEU D 253 -2.23 -25.84 -9.63
CA LEU D 253 -1.47 -24.66 -9.23
C LEU D 253 -1.35 -23.62 -10.35
N ALA D 254 -1.53 -24.03 -11.61
CA ALA D 254 -1.59 -23.09 -12.76
C ALA D 254 -0.37 -22.17 -12.85
N VAL D 255 0.81 -22.75 -12.75
CA VAL D 255 2.07 -22.05 -13.02
C VAL D 255 2.45 -22.36 -14.46
N TRP D 256 2.14 -21.45 -15.37
CA TRP D 256 2.27 -21.65 -16.82
C TRP D 256 3.52 -21.00 -17.40
N ARG D 257 4.29 -20.32 -16.58
CA ARG D 257 5.40 -19.49 -16.98
C ARG D 257 6.23 -19.26 -15.72
N PRO D 258 7.52 -18.96 -15.85
CA PRO D 258 8.38 -18.96 -14.66
C PRO D 258 7.96 -17.86 -13.69
N VAL D 259 7.97 -18.19 -12.41
CA VAL D 259 7.56 -17.26 -11.38
C VAL D 259 8.64 -16.24 -11.04
N ALA D 260 9.89 -16.53 -11.40
CA ALA D 260 11.03 -15.68 -11.10
C ALA D 260 12.18 -16.22 -11.94
N LYS D 261 13.26 -15.44 -12.05
CA LYS D 261 14.34 -15.84 -12.93
C LYS D 261 14.94 -17.17 -12.48
N ASP D 262 15.09 -17.37 -11.17
CA ASP D 262 15.54 -18.65 -10.66
C ASP D 262 15.52 -18.70 -9.14
N GLU D 263 15.99 -19.82 -8.59
CA GLU D 263 15.98 -20.02 -7.15
C GLU D 263 16.82 -19.00 -6.40
N GLU D 264 17.91 -18.49 -6.98
CA GLU D 264 18.78 -17.57 -6.25
C GLU D 264 18.17 -16.16 -6.15
N GLU D 265 17.45 -15.75 -7.20
CA GLU D 265 16.67 -14.51 -7.13
C GLU D 265 15.68 -14.57 -6.00
N VAL D 266 14.95 -15.66 -5.83
CA VAL D 266 13.86 -15.70 -4.87
C VAL D 266 14.42 -15.77 -3.46
N MET D 267 15.42 -16.63 -3.20
CA MET D 267 15.94 -16.67 -1.85
C MET D 267 16.89 -15.51 -1.60
N GLY D 268 17.55 -15.03 -2.65
CA GLY D 268 18.52 -13.96 -2.48
C GLY D 268 17.87 -12.63 -2.16
N ASN D 269 16.69 -12.38 -2.72
CA ASN D 269 15.92 -11.16 -2.53
C ASN D 269 14.72 -11.35 -1.61
N GLY D 270 13.98 -12.46 -1.73
CA GLY D 270 12.77 -12.64 -0.95
C GLY D 270 13.02 -12.98 0.52
N LEU D 271 14.03 -13.82 0.80
CA LEU D 271 14.25 -14.19 2.20
C LEU D 271 14.81 -13.02 3.04
N PRO D 272 15.80 -12.27 2.59
CA PRO D 272 16.18 -11.08 3.40
C PRO D 272 15.00 -10.14 3.60
N PHE D 273 14.18 -9.93 2.57
CA PHE D 273 13.04 -9.03 2.70
C PHE D 273 12.12 -9.48 3.81
N LEU D 274 11.84 -10.78 3.89
CA LEU D 274 10.87 -11.28 4.86
C LEU D 274 11.47 -11.32 6.27
N ARG D 275 12.72 -11.73 6.39
CA ARG D 275 13.39 -11.63 7.69
C ARG D 275 13.46 -10.18 8.15
N ASN D 276 13.70 -9.25 7.23
CA ASN D 276 13.78 -7.86 7.64
C ASN D 276 12.41 -7.33 8.10
N LYS D 277 11.32 -7.78 7.46
CA LYS D 277 9.99 -7.36 7.86
C LYS D 277 9.60 -7.96 9.20
N ALA D 278 9.99 -9.22 9.44
CA ALA D 278 9.71 -9.85 10.71
C ALA D 278 10.43 -9.15 11.86
N LYS D 279 11.66 -8.73 11.64
CA LYS D 279 12.38 -7.94 12.64
C LYS D 279 11.76 -6.57 12.80
N GLN D 280 11.43 -5.91 11.68
CA GLN D 280 10.77 -4.60 11.73
C GLN D 280 9.52 -4.62 12.62
N TYR D 281 8.69 -5.65 12.47
CA TYR D 281 7.42 -5.68 13.21
C TYR D 281 7.54 -6.48 14.49
N GLY D 282 8.75 -6.86 14.89
CA GLY D 282 8.96 -7.48 16.18
C GLY D 282 8.43 -8.89 16.33
N LEU D 283 8.35 -9.64 15.23
CA LEU D 283 7.70 -10.94 15.29
C LEU D 283 8.51 -11.90 16.16
N ILE D 284 7.81 -12.49 17.13
CA ILE D 284 8.36 -13.41 18.13
C ILE D 284 9.37 -14.37 17.51
#